data_4JO3
#
_entry.id   4JO3
#
_cell.length_a   70.223
_cell.length_b   118.977
_cell.length_c   134.946
_cell.angle_alpha   90.00
_cell.angle_beta   90.00
_cell.angle_gamma   90.00
#
_symmetry.space_group_name_H-M   'P 21 21 21'
#
loop_
_entity.id
_entity.type
_entity.pdbx_description
1 polymer 'monoclonal anti-HIV-1 gp120 V3 antibody R20 light chain'
2 polymer 'monoclonal anti-HIV-1 gp120 V3 antibody R20 heavy chain'
3 polymer gp120
4 non-polymer 'SULFATE ION'
5 water water
#
loop_
_entity_poly.entity_id
_entity_poly.type
_entity_poly.pdbx_seq_one_letter_code
_entity_poly.pdbx_strand_id
1 'polypeptide(L)'
;DIVMTQTPASVSAAVGGTVTINCQASETISNYLAWYQQKPGQPPKLLIYKASTLASGVSSRFKGSGSGTEYTLTISGVQC
DDAATYYCQQGYSISDIDNSFGGGTEVVVKGDPVAPTVLIFPPAADQVATGTVTIVCVANKYFPDVTVTWEVDGTTQTTG
IENSKTPQNSADCTYNLSSTLTLTSTQYNSHKEYTCKVTQGTTSVVQSFNRGDC
;
L,M
2 'polypeptide(L)'
;QSLEESGGDLVKPGASLTLTCTASGFSFTNNYYMCWVRQAPGKGLEWIACIYGGGRDIVFYATWAKGRFTISKTSSTTVT
LQMTSLTAADTATYFCARENFDAVGVGGGTYSTDYYFDLWGPGTLVIVSSGQPKAPSVFPLAPCCGDTPSATVTLGCLVK
GYLPEPVTVTWNSGTLTNGVRTFPSVRQSSGLYSLSSVVSVTSSSQPVTCNVAHPATNTKVDKTVAP
;
H,I
3 'polypeptide(L)' TTGEIIGDIRQAHCN P,Q
#
loop_
_chem_comp.id
_chem_comp.type
_chem_comp.name
_chem_comp.formula
SO4 non-polymer 'SULFATE ION' 'O4 S -2'
#
# COMPACT_ATOMS: atom_id res chain seq x y z
N ASP A 1 5.49 35.32 -16.76
CA ASP A 1 5.40 36.78 -16.77
C ASP A 1 4.49 37.33 -15.68
N ILE A 2 3.42 36.60 -15.35
CA ILE A 2 2.82 36.77 -14.04
C ILE A 2 3.63 35.83 -13.19
N VAL A 3 4.47 36.37 -12.32
CA VAL A 3 5.41 35.49 -11.64
C VAL A 3 5.00 35.16 -10.22
N MET A 4 4.76 33.88 -9.99
CA MET A 4 4.35 33.40 -8.68
C MET A 4 5.58 33.15 -7.84
N THR A 5 5.69 33.87 -6.72
CA THR A 5 6.79 33.63 -5.81
C THR A 5 6.26 33.03 -4.53
N GLN A 6 6.74 31.83 -4.20
CA GLN A 6 6.35 31.17 -2.95
C GLN A 6 7.43 31.30 -1.91
N THR A 7 7.00 31.49 -0.66
CA THR A 7 7.89 31.54 0.48
C THR A 7 7.16 30.92 1.66
N PRO A 8 7.90 30.26 2.56
CA PRO A 8 9.32 29.95 2.44
C PRO A 8 9.54 28.80 1.47
N ALA A 9 10.79 28.46 1.19
CA ALA A 9 11.06 27.37 0.26
C ALA A 9 10.87 26.05 0.98
N SER A 10 11.11 26.09 2.28
CA SER A 10 10.92 24.94 3.15
C SER A 10 10.34 25.44 4.47
N VAL A 11 9.69 24.55 5.21
CA VAL A 11 9.12 24.92 6.48
C VAL A 11 8.89 23.68 7.35
N SER A 12 9.08 23.82 8.66
CA SER A 12 8.83 22.73 9.61
C SER A 12 7.59 22.98 10.44
N ALA A 13 6.94 21.90 10.84
CA ALA A 13 5.82 22.02 11.77
C ALA A 13 5.74 20.74 12.61
N ALA A 14 5.66 20.87 13.92
CA ALA A 14 5.45 19.68 14.77
C ALA A 14 4.08 19.09 14.48
N VAL A 15 3.96 17.78 14.67
CA VAL A 15 2.67 17.11 14.48
C VAL A 15 1.64 17.78 15.38
N GLY A 16 0.50 18.18 14.79
CA GLY A 16 -0.58 18.77 15.55
C GLY A 16 -0.62 20.28 15.43
N GLY A 17 0.47 20.86 14.93
CA GLY A 17 0.57 22.30 14.80
C GLY A 17 -0.07 22.82 13.52
N THR A 18 0.33 24.03 13.15
CA THR A 18 -0.19 24.70 11.96
C THR A 18 0.96 25.22 11.14
N VAL A 19 0.81 25.17 9.82
CA VAL A 19 1.84 25.65 8.93
C VAL A 19 1.18 26.59 7.91
N THR A 20 1.80 27.74 7.68
CA THR A 20 1.32 28.61 6.61
C THR A 20 2.35 28.75 5.49
N ILE A 21 1.88 28.73 4.25
CA ILE A 21 2.69 28.87 3.06
C ILE A 21 2.21 30.14 2.37
N ASN A 22 3.13 30.89 1.80
CA ASN A 22 2.75 32.12 1.11
C ASN A 22 2.94 32.08 -0.38
N CYS A 23 2.05 32.76 -1.07
CA CYS A 23 2.13 32.89 -2.50
C CYS A 23 2.00 34.35 -2.83
N GLN A 24 2.89 34.86 -3.66
CA GLN A 24 2.80 36.23 -4.10
C GLN A 24 2.74 36.32 -5.63
N ALA A 25 1.89 37.19 -6.14
CA ALA A 25 1.75 37.36 -7.56
C ALA A 25 2.28 38.72 -7.98
N SER A 26 2.94 38.78 -9.14
CA SER A 26 3.57 40.01 -9.58
C SER A 26 2.51 41.01 -9.98
N GLU A 27 1.31 40.51 -10.27
CA GLU A 27 0.17 41.37 -10.52
C GLU A 27 -1.11 40.70 -10.00
N THR A 28 -2.16 41.50 -9.87
CA THR A 28 -3.41 40.99 -9.34
C THR A 28 -3.92 39.86 -10.22
N ILE A 29 -4.50 38.83 -9.59
CA ILE A 29 -4.97 37.66 -10.33
C ILE A 29 -6.45 37.35 -10.14
N SER A 30 -7.16 38.23 -9.43
CA SER A 30 -8.61 38.12 -9.27
C SER A 30 -9.01 36.87 -8.50
N ASN A 31 -8.19 36.51 -7.53
CA ASN A 31 -8.43 35.31 -6.74
C ASN A 31 -8.45 34.02 -7.55
N TYR A 32 -7.84 34.04 -8.72
CA TYR A 32 -7.68 32.81 -9.49
C TYR A 32 -6.34 32.21 -9.10
N LEU A 33 -6.33 31.57 -7.92
CA LEU A 33 -5.13 31.02 -7.34
C LEU A 33 -5.42 29.61 -6.87
N ALA A 34 -4.59 28.65 -7.28
CA ALA A 34 -4.79 27.25 -6.92
C ALA A 34 -3.61 26.69 -6.13
N TRP A 35 -3.91 25.75 -5.23
CA TRP A 35 -2.90 25.14 -4.39
C TRP A 35 -2.87 23.64 -4.64
N TYR A 36 -1.68 23.09 -4.85
CA TYR A 36 -1.53 21.64 -5.03
C TYR A 36 -0.60 21.02 -4.00
N GLN A 37 -0.81 19.75 -3.70
CA GLN A 37 0.12 19.02 -2.87
C GLN A 37 0.72 17.91 -3.74
N GLN A 38 2.04 17.78 -3.72
CA GLN A 38 2.65 16.71 -4.46
C GLN A 38 3.51 15.82 -3.58
N LYS A 39 3.31 14.52 -3.69
CA LYS A 39 4.15 13.56 -3.00
C LYS A 39 5.05 12.87 -4.04
N PRO A 40 6.20 12.35 -3.59
CA PRO A 40 7.22 11.87 -4.52
C PRO A 40 6.68 10.81 -5.46
N GLY A 41 6.97 10.92 -6.75
CA GLY A 41 6.55 9.93 -7.72
C GLY A 41 5.08 10.01 -8.10
N GLN A 42 4.43 11.09 -7.68
CA GLN A 42 3.02 11.24 -7.99
C GLN A 42 2.73 12.54 -8.70
N PRO A 43 1.67 12.57 -9.49
CA PRO A 43 1.30 13.87 -10.03
C PRO A 43 0.75 14.71 -8.89
N PRO A 44 0.73 16.03 -9.06
CA PRO A 44 0.17 16.93 -8.04
C PRO A 44 -1.30 16.64 -7.79
N LYS A 45 -1.75 16.91 -6.56
CA LYS A 45 -3.15 16.79 -6.21
C LYS A 45 -3.71 18.18 -5.94
N LEU A 46 -4.80 18.51 -6.60
CA LEU A 46 -5.48 19.79 -6.38
C LEU A 46 -6.11 19.83 -5.01
N LEU A 47 -5.86 20.91 -4.28
CA LEU A 47 -6.43 21.16 -2.96
C LEU A 47 -7.45 22.29 -2.97
N ILE A 48 -7.00 23.44 -3.48
CA ILE A 48 -7.74 24.69 -3.42
C ILE A 48 -7.71 25.35 -4.79
N TYR A 49 -8.84 25.91 -5.20
CA TYR A 49 -8.92 26.75 -6.39
C TYR A 49 -9.78 27.97 -6.08
N LYS A 50 -9.79 28.95 -6.99
CA LYS A 50 -10.46 30.23 -6.71
C LYS A 50 -10.04 30.78 -5.34
N ALA A 51 -8.75 30.70 -5.05
CA ALA A 51 -8.17 31.23 -3.82
C ALA A 51 -8.57 30.47 -2.55
N SER A 52 -9.83 30.07 -2.45
CA SER A 52 -10.30 29.54 -1.18
C SER A 52 -11.31 28.41 -1.30
N THR A 53 -11.66 28.01 -2.51
CA THR A 53 -12.59 26.91 -2.62
C THR A 53 -11.89 25.56 -2.42
N LEU A 54 -12.32 24.81 -1.41
CA LEU A 54 -11.79 23.49 -1.12
C LEU A 54 -12.29 22.43 -2.09
N ALA A 55 -11.37 21.82 -2.83
CA ALA A 55 -11.76 20.82 -3.82
C ALA A 55 -12.42 19.63 -3.13
N SER A 56 -13.18 18.86 -3.91
CA SER A 56 -13.94 17.75 -3.37
C SER A 56 -13.07 16.57 -2.95
N GLY A 57 -13.25 16.17 -1.69
CA GLY A 57 -12.62 14.98 -1.18
C GLY A 57 -11.28 15.33 -0.59
N VAL A 58 -11.03 16.63 -0.45
CA VAL A 58 -9.80 17.07 0.17
C VAL A 58 -10.05 17.51 1.61
N SER A 59 -9.14 17.13 2.50
CA SER A 59 -9.26 17.44 3.91
C SER A 59 -9.49 18.93 4.16
N SER A 60 -10.45 19.22 5.02
CA SER A 60 -10.75 20.60 5.38
C SER A 60 -9.69 21.18 6.31
N ARG A 61 -8.65 20.39 6.59
CA ARG A 61 -7.49 20.92 7.29
C ARG A 61 -6.74 21.90 6.40
N PHE A 62 -7.09 21.92 5.12
CA PHE A 62 -6.43 22.81 4.16
C PHE A 62 -7.27 24.06 3.89
N LYS A 63 -6.71 25.23 4.18
CA LYS A 63 -7.42 26.47 3.96
C LYS A 63 -6.65 27.39 3.05
N GLY A 64 -7.32 27.83 1.98
CA GLY A 64 -6.78 28.82 1.06
C GLY A 64 -7.39 30.18 1.33
N SER A 65 -6.55 31.19 1.47
CA SER A 65 -7.05 32.52 1.78
C SER A 65 -6.25 33.56 1.03
N GLY A 66 -6.61 34.82 1.22
CA GLY A 66 -5.86 35.91 0.63
C GLY A 66 -6.64 36.49 -0.52
N SER A 67 -6.07 37.52 -1.14
CA SER A 67 -6.70 38.18 -2.28
C SER A 67 -5.69 39.12 -2.93
N GLY A 68 -6.00 39.57 -4.13
CA GLY A 68 -5.18 40.53 -4.82
C GLY A 68 -3.84 39.97 -5.23
N THR A 69 -2.82 40.22 -4.43
CA THR A 69 -1.45 39.86 -4.79
C THR A 69 -0.80 38.89 -3.77
N GLU A 70 -1.46 38.71 -2.61
CA GLU A 70 -0.95 37.84 -1.56
C GLU A 70 -1.94 36.74 -1.14
N TYR A 71 -1.53 35.49 -1.31
CA TYR A 71 -2.36 34.33 -0.99
C TYR A 71 -1.71 33.44 0.07
N THR A 72 -2.51 32.58 0.70
CA THR A 72 -1.99 31.74 1.76
C THR A 72 -2.61 30.34 1.74
N LEU A 73 -1.83 29.37 2.21
CA LEU A 73 -2.28 28.01 2.44
C LEU A 73 -1.96 27.67 3.89
N THR A 74 -2.98 27.28 4.65
CA THR A 74 -2.80 27.00 6.06
C THR A 74 -3.20 25.56 6.31
N ILE A 75 -2.27 24.74 6.77
CA ILE A 75 -2.60 23.39 7.16
C ILE A 75 -2.74 23.32 8.67
N SER A 76 -3.93 22.99 9.13
CA SER A 76 -4.19 22.85 10.56
C SER A 76 -4.08 21.40 10.93
N GLY A 77 -3.71 21.11 12.18
CA GLY A 77 -3.62 19.72 12.64
C GLY A 77 -2.64 18.93 11.78
N VAL A 78 -1.45 19.51 11.57
CA VAL A 78 -0.46 18.95 10.69
C VAL A 78 -0.18 17.49 11.03
N GLN A 79 -0.04 16.65 10.01
CA GLN A 79 0.20 15.23 10.23
C GLN A 79 1.32 14.71 9.35
N CYS A 80 1.88 13.56 9.70
CA CYS A 80 2.90 12.94 8.86
C CYS A 80 2.49 12.79 7.38
N ASP A 81 1.22 12.47 7.14
CA ASP A 81 0.73 12.32 5.78
C ASP A 81 0.81 13.64 4.99
N ASP A 82 1.03 14.75 5.68
CA ASP A 82 1.17 16.03 5.02
C ASP A 82 2.58 16.34 4.48
N ALA A 83 3.59 15.61 4.94
CA ALA A 83 4.95 15.87 4.47
C ALA A 83 5.00 15.74 2.95
N ALA A 84 5.18 16.87 2.28
CA ALA A 84 5.08 16.91 0.82
C ALA A 84 5.57 18.24 0.29
N THR A 85 5.49 18.42 -1.02
CA THR A 85 5.77 19.71 -1.58
C THR A 85 4.46 20.35 -2.04
N TYR A 86 4.29 21.62 -1.72
CA TYR A 86 3.06 22.32 -2.06
C TYR A 86 3.32 23.40 -3.10
N TYR A 87 2.41 23.54 -4.06
CA TYR A 87 2.56 24.54 -5.10
C TYR A 87 1.33 25.42 -5.19
N CYS A 88 1.54 26.70 -5.47
CA CYS A 88 0.44 27.57 -5.83
C CYS A 88 0.49 27.79 -7.34
N GLN A 89 -0.64 28.18 -7.93
CA GLN A 89 -0.68 28.26 -9.36
C GLN A 89 -1.74 29.27 -9.76
N GLN A 90 -1.30 30.38 -10.35
CA GLN A 90 -2.21 31.43 -10.81
C GLN A 90 -3.01 30.98 -12.03
N GLY A 91 -4.32 31.22 -11.98
CA GLY A 91 -5.21 30.77 -13.01
C GLY A 91 -5.79 31.93 -13.79
N TYR A 92 -5.21 33.11 -13.59
CA TYR A 92 -5.71 34.30 -14.27
C TYR A 92 -5.45 34.23 -15.77
N SER A 93 -4.24 33.89 -16.15
CA SER A 93 -3.87 33.91 -17.55
C SER A 93 -2.89 32.81 -17.98
N ILE A 94 -3.10 32.28 -19.17
CA ILE A 94 -2.08 31.42 -19.80
C ILE A 94 -1.56 32.07 -21.06
N SER A 95 -1.93 33.33 -21.31
CA SER A 95 -1.35 34.09 -22.41
C SER A 95 -0.16 34.93 -21.96
N ASP A 96 0.96 34.80 -22.66
CA ASP A 96 2.15 35.61 -22.35
C ASP A 96 2.70 35.33 -20.94
N ILE A 97 2.75 34.07 -20.52
CA ILE A 97 3.41 33.76 -19.25
C ILE A 97 4.49 32.70 -19.41
N ASP A 98 5.47 32.74 -18.51
CA ASP A 98 6.50 31.68 -18.42
C ASP A 98 5.92 30.48 -17.66
N ASN A 99 5.69 30.60 -16.36
CA ASN A 99 5.19 29.48 -15.56
C ASN A 99 4.01 29.96 -14.71
N SER A 100 2.96 29.17 -14.62
CA SER A 100 1.84 29.54 -13.77
C SER A 100 2.02 29.04 -12.34
N PHE A 101 2.95 28.12 -12.13
CA PHE A 101 3.22 27.60 -10.79
C PHE A 101 4.29 28.42 -10.07
N GLY A 102 4.14 28.54 -8.77
CA GLY A 102 5.22 29.01 -7.93
C GLY A 102 6.30 27.94 -7.80
N GLY A 103 7.39 28.30 -7.13
CA GLY A 103 8.52 27.41 -7.01
C GLY A 103 8.25 26.23 -6.09
N GLY A 104 7.16 26.31 -5.34
CA GLY A 104 6.76 25.24 -4.44
C GLY A 104 7.42 25.32 -3.07
N THR A 105 6.73 24.81 -2.07
CA THR A 105 7.25 24.81 -0.71
C THR A 105 7.34 23.39 -0.16
N GLU A 106 8.50 23.02 0.36
CA GLU A 106 8.63 21.74 1.02
C GLU A 106 8.12 21.85 2.44
N VAL A 107 7.20 20.97 2.80
CA VAL A 107 6.69 20.91 4.16
C VAL A 107 7.20 19.64 4.85
N VAL A 108 7.97 19.84 5.92
CA VAL A 108 8.55 18.77 6.71
C VAL A 108 7.79 18.64 8.03
N VAL A 109 7.31 17.43 8.33
CA VAL A 109 6.49 17.21 9.51
C VAL A 109 7.29 16.60 10.66
N LYS A 110 7.49 17.40 11.72
CA LYS A 110 8.25 16.95 12.89
C LYS A 110 7.44 16.02 13.78
N GLY A 111 7.72 14.72 13.69
CA GLY A 111 7.05 13.70 14.49
C GLY A 111 7.84 13.23 15.69
N ASP A 112 7.58 12.02 16.15
CA ASP A 112 8.29 11.49 17.31
C ASP A 112 9.74 11.12 17.00
N PRO A 113 10.67 11.56 17.86
CA PRO A 113 12.09 11.21 17.75
C PRO A 113 12.32 9.70 17.76
N VAL A 114 13.05 9.23 16.76
CA VAL A 114 13.44 7.84 16.67
C VAL A 114 14.90 7.80 16.29
N ALA A 115 15.67 6.98 17.00
CA ALA A 115 17.08 6.83 16.71
C ALA A 115 17.25 5.89 15.51
N PRO A 116 18.21 6.20 14.61
CA PRO A 116 18.36 5.38 13.41
C PRO A 116 18.94 4.01 13.73
N THR A 117 18.62 3.02 12.91
CA THR A 117 19.29 1.73 12.98
C THR A 117 20.34 1.80 11.91
N VAL A 118 21.59 1.65 12.29
CA VAL A 118 22.72 1.90 11.40
C VAL A 118 23.40 0.59 11.05
N LEU A 119 23.80 0.46 9.78
CA LEU A 119 24.35 -0.77 9.20
C LEU A 119 25.32 -0.47 8.05
N ILE A 120 26.48 -1.13 8.04
CA ILE A 120 27.44 -0.96 6.98
C ILE A 120 27.56 -2.30 6.27
N PHE A 121 27.52 -2.25 4.94
CA PHE A 121 27.60 -3.45 4.14
C PHE A 121 28.87 -3.40 3.33
N PRO A 122 29.81 -4.31 3.63
CA PRO A 122 31.04 -4.43 2.86
C PRO A 122 30.68 -4.86 1.45
N PRO A 123 31.53 -4.55 0.47
CA PRO A 123 31.28 -4.88 -0.94
C PRO A 123 31.29 -6.38 -1.19
N ALA A 124 30.29 -6.88 -1.91
CA ALA A 124 30.24 -8.29 -2.29
C ALA A 124 31.54 -8.70 -2.97
N ALA A 125 31.85 -9.98 -2.89
CA ALA A 125 33.10 -10.52 -3.44
C ALA A 125 33.33 -10.12 -4.90
N ASP A 126 32.26 -10.15 -5.70
CA ASP A 126 32.36 -9.97 -7.14
C ASP A 126 32.35 -8.52 -7.61
N GLN A 127 32.60 -7.60 -6.71
CA GLN A 127 32.58 -6.18 -7.06
C GLN A 127 33.93 -5.76 -7.55
N VAL A 128 34.97 -6.23 -6.86
CA VAL A 128 36.32 -5.70 -7.03
C VAL A 128 36.80 -5.99 -8.42
N ALA A 129 36.40 -7.13 -8.99
CA ALA A 129 36.77 -7.48 -10.36
C ALA A 129 36.24 -6.47 -11.39
N THR A 130 35.19 -5.72 -11.05
CA THR A 130 34.64 -4.72 -11.96
C THR A 130 35.41 -3.41 -11.94
N GLY A 131 36.45 -3.31 -11.12
CA GLY A 131 37.24 -2.09 -11.07
C GLY A 131 36.75 -1.05 -10.07
N THR A 132 35.46 -1.13 -9.72
CA THR A 132 34.90 -0.17 -8.78
C THR A 132 34.28 -0.91 -7.61
N VAL A 133 34.36 -0.31 -6.42
CA VAL A 133 33.82 -0.91 -5.23
C VAL A 133 32.87 0.06 -4.53
N THR A 134 31.66 -0.40 -4.22
CA THR A 134 30.70 0.46 -3.51
C THR A 134 30.33 -0.03 -2.10
N ILE A 135 30.70 0.74 -1.09
CA ILE A 135 30.31 0.42 0.28
C ILE A 135 28.99 1.13 0.62
N VAL A 136 28.05 0.39 1.19
CA VAL A 136 26.75 0.97 1.48
C VAL A 136 26.47 1.03 2.99
N CYS A 137 26.30 2.24 3.51
CA CYS A 137 25.85 2.39 4.89
C CYS A 137 24.38 2.80 4.91
N VAL A 138 23.59 2.22 5.80
CA VAL A 138 22.19 2.65 5.92
C VAL A 138 21.88 3.08 7.34
N ALA A 139 21.04 4.10 7.44
CA ALA A 139 20.43 4.50 8.71
C ALA A 139 18.93 4.33 8.52
N ASN A 140 18.35 3.31 9.14
CA ASN A 140 16.93 3.06 8.95
C ASN A 140 15.99 3.64 9.99
N LYS A 141 14.82 4.05 9.53
CA LYS A 141 13.72 4.51 10.39
C LYS A 141 14.18 5.42 11.50
N TYR A 142 14.22 6.72 11.23
CA TYR A 142 14.68 7.67 12.25
C TYR A 142 14.11 9.07 12.06
N PHE A 143 14.10 9.85 13.13
CA PHE A 143 13.79 11.27 13.07
C PHE A 143 14.26 11.94 14.36
N PRO A 144 14.83 13.15 14.26
CA PRO A 144 15.02 13.96 13.05
C PRO A 144 16.29 13.61 12.29
N ASP A 145 16.67 14.51 11.39
CA ASP A 145 17.77 14.32 10.48
C ASP A 145 19.04 13.89 11.17
N VAL A 146 19.77 13.00 10.51
CA VAL A 146 21.09 12.58 10.94
C VAL A 146 22.12 13.23 10.02
N THR A 147 23.37 13.22 10.41
CA THR A 147 24.42 13.52 9.46
C THR A 147 25.30 12.28 9.41
N VAL A 148 25.96 12.08 8.29
CA VAL A 148 26.76 10.88 8.10
C VAL A 148 28.17 11.29 7.83
N THR A 149 29.10 10.57 8.43
CA THR A 149 30.48 10.90 8.22
C THR A 149 31.25 9.61 8.02
N TRP A 150 32.08 9.58 6.98
CA TRP A 150 32.83 8.39 6.61
C TRP A 150 34.28 8.53 7.03
N GLU A 151 34.91 7.40 7.33
CA GLU A 151 36.31 7.35 7.66
C GLU A 151 36.99 6.14 7.05
N VAL A 152 38.16 6.36 6.47
CA VAL A 152 38.96 5.29 5.91
C VAL A 152 40.33 5.27 6.59
N ASP A 153 40.60 4.19 7.31
CA ASP A 153 41.79 4.12 8.15
C ASP A 153 41.93 5.38 9.00
N GLY A 154 40.83 5.81 9.61
CA GLY A 154 40.86 6.94 10.51
C GLY A 154 40.86 8.31 9.84
N THR A 155 41.05 8.34 8.52
CA THR A 155 40.98 9.60 7.81
C THR A 155 39.59 9.86 7.27
N THR A 156 39.06 11.06 7.52
CA THR A 156 37.72 11.41 7.06
C THR A 156 37.63 11.39 5.54
N GLN A 157 36.64 10.68 5.03
CA GLN A 157 36.38 10.65 3.59
C GLN A 157 35.53 11.83 3.22
N THR A 158 35.95 12.54 2.19
CA THR A 158 35.27 13.76 1.80
C THR A 158 34.74 13.67 0.38
N THR A 159 35.16 12.64 -0.33
CA THR A 159 34.78 12.50 -1.73
C THR A 159 34.24 11.10 -2.03
N GLY A 160 33.48 10.98 -3.11
CA GLY A 160 32.90 9.71 -3.50
C GLY A 160 31.72 9.28 -2.66
N ILE A 161 31.11 10.21 -1.94
CA ILE A 161 29.98 9.87 -1.10
C ILE A 161 28.69 10.44 -1.66
N GLU A 162 27.65 9.61 -1.72
CA GLU A 162 26.33 10.14 -2.02
C GLU A 162 25.23 9.61 -1.12
N ASN A 163 24.37 10.53 -0.71
CA ASN A 163 23.32 10.24 0.23
C ASN A 163 21.97 10.30 -0.42
N SER A 164 21.12 9.35 -0.03
CA SER A 164 19.79 9.26 -0.56
C SER A 164 18.83 9.08 0.61
N LYS A 165 18.03 10.11 0.89
CA LYS A 165 17.07 10.05 1.98
C LYS A 165 15.69 9.78 1.43
N THR A 166 15.00 8.79 1.96
CA THR A 166 13.64 8.52 1.52
C THR A 166 12.76 9.71 1.92
N PRO A 167 11.62 9.88 1.24
CA PRO A 167 10.63 10.83 1.76
C PRO A 167 10.16 10.41 3.14
N GLN A 168 9.60 11.33 3.92
CA GLN A 168 9.12 10.97 5.25
C GLN A 168 8.07 9.87 5.18
N ASN A 169 8.14 8.94 6.12
CA ASN A 169 7.11 7.94 6.18
C ASN A 169 5.84 8.72 6.41
N SER A 170 4.74 8.30 5.81
CA SER A 170 3.53 9.12 5.82
C SER A 170 2.63 8.77 7.00
N ALA A 171 3.03 7.79 7.81
CA ALA A 171 2.32 7.49 9.04
C ALA A 171 3.10 7.96 10.26
N ASP A 172 4.42 7.77 10.25
CA ASP A 172 5.20 8.07 11.43
C ASP A 172 6.31 9.11 11.23
N CYS A 173 6.41 9.69 10.03
CA CYS A 173 7.32 10.82 9.79
C CYS A 173 8.80 10.47 9.69
N THR A 174 9.15 9.21 9.95
CA THR A 174 10.56 8.81 9.93
C THR A 174 11.19 8.74 8.54
N TYR A 175 12.50 8.95 8.51
CA TYR A 175 13.30 8.84 7.29
C TYR A 175 14.06 7.52 7.22
N ASN A 176 14.46 7.15 6.01
CA ASN A 176 15.49 6.12 5.80
C ASN A 176 16.62 6.78 5.01
N LEU A 177 17.85 6.36 5.22
CA LEU A 177 18.94 7.00 4.52
C LEU A 177 19.93 5.96 4.02
N SER A 178 20.40 6.12 2.80
CA SER A 178 21.55 5.34 2.39
C SER A 178 22.71 6.30 2.18
N SER A 179 23.88 5.96 2.69
CA SER A 179 25.07 6.65 2.30
C SER A 179 26.02 5.64 1.68
N THR A 180 26.50 5.94 0.48
CA THR A 180 27.34 5.01 -0.25
C THR A 180 28.68 5.63 -0.60
N LEU A 181 29.75 4.92 -0.25
CA LEU A 181 31.11 5.34 -0.53
C LEU A 181 31.59 4.54 -1.70
N THR A 182 31.89 5.20 -2.82
CA THR A 182 32.41 4.51 -4.01
C THR A 182 33.90 4.79 -4.21
N LEU A 183 34.68 3.71 -4.38
CA LEU A 183 36.13 3.76 -4.64
C LEU A 183 36.54 2.89 -5.83
N THR A 184 37.73 3.14 -6.39
CA THR A 184 38.31 2.19 -7.34
C THR A 184 38.78 0.97 -6.57
N SER A 185 38.80 -0.17 -7.25
CA SER A 185 39.28 -1.41 -6.64
C SER A 185 40.61 -1.17 -5.96
N THR A 186 41.52 -0.58 -6.73
CA THR A 186 42.84 -0.20 -6.23
C THR A 186 42.80 0.67 -4.97
N GLN A 187 41.99 1.72 -4.96
CA GLN A 187 41.83 2.55 -3.76
C GLN A 187 41.35 1.70 -2.59
N TYR A 188 40.40 0.83 -2.85
CA TYR A 188 39.79 0.01 -1.83
C TYR A 188 40.81 -0.97 -1.25
N ASN A 189 41.63 -1.55 -2.11
CA ASN A 189 42.56 -2.59 -1.66
C ASN A 189 43.76 -2.05 -0.90
N SER A 190 43.86 -0.72 -0.83
CA SER A 190 45.00 -0.10 -0.20
C SER A 190 44.66 0.47 1.17
N HIS A 191 43.51 0.10 1.71
CA HIS A 191 43.09 0.57 3.04
C HIS A 191 42.45 -0.58 3.79
N LYS A 192 42.51 -0.54 5.12
CA LYS A 192 42.00 -1.71 5.86
C LYS A 192 40.61 -1.49 6.44
N GLU A 193 40.45 -0.39 7.15
CA GLU A 193 39.28 -0.13 7.96
C GLU A 193 38.33 0.89 7.33
N TYR A 194 37.10 0.46 7.12
CA TYR A 194 36.06 1.33 6.59
C TYR A 194 35.00 1.60 7.64
N THR A 195 34.70 2.88 7.83
CA THR A 195 33.86 3.29 8.94
C THR A 195 32.80 4.29 8.53
N CYS A 196 31.57 3.98 8.89
CA CYS A 196 30.44 4.83 8.65
C CYS A 196 29.90 5.30 9.99
N LYS A 197 29.80 6.61 10.18
CA LYS A 197 29.30 7.16 11.43
C LYS A 197 28.02 7.94 11.21
N VAL A 198 26.99 7.60 11.95
CA VAL A 198 25.68 8.21 11.80
C VAL A 198 25.30 8.98 13.05
N THR A 199 25.26 10.30 12.93
CA THR A 199 25.08 11.14 14.11
C THR A 199 23.70 11.78 14.13
N GLN A 200 22.90 11.44 15.12
CA GLN A 200 21.64 12.12 15.32
C GLN A 200 21.72 12.95 16.60
N GLY A 201 22.00 14.24 16.43
CA GLY A 201 22.11 15.15 17.56
C GLY A 201 23.23 14.76 18.50
N THR A 202 22.87 14.30 19.69
CA THR A 202 23.86 13.95 20.70
C THR A 202 24.20 12.48 20.68
N THR A 203 23.61 11.73 19.77
CA THR A 203 23.84 10.30 19.69
C THR A 203 24.48 9.90 18.38
N SER A 204 25.53 9.08 18.45
CA SER A 204 26.12 8.54 17.24
C SER A 204 26.21 7.03 17.26
N VAL A 205 26.15 6.43 16.08
CA VAL A 205 26.45 5.02 15.92
C VAL A 205 27.56 4.90 14.90
N VAL A 206 28.50 4.00 15.15
CA VAL A 206 29.60 3.80 14.25
C VAL A 206 29.63 2.36 13.82
N GLN A 207 29.75 2.11 12.52
CA GLN A 207 29.86 0.74 12.04
C GLN A 207 31.11 0.61 11.19
N SER A 208 31.87 -0.43 11.44
CA SER A 208 33.14 -0.62 10.75
C SER A 208 33.28 -2.03 10.23
N PHE A 209 34.25 -2.21 9.35
CA PHE A 209 34.68 -3.53 8.95
C PHE A 209 36.10 -3.37 8.44
N ASN A 210 36.87 -4.46 8.50
CA ASN A 210 38.18 -4.47 7.86
C ASN A 210 38.10 -5.30 6.58
N ARG A 211 38.61 -4.75 5.49
CA ARG A 211 38.59 -5.43 4.19
C ARG A 211 39.02 -6.90 4.27
N GLY A 212 40.09 -7.16 5.03
CA GLY A 212 40.59 -8.51 5.19
C GLY A 212 39.58 -9.49 5.78
N ASP A 213 38.77 -9.04 6.73
CA ASP A 213 37.84 -9.94 7.42
C ASP A 213 36.56 -10.22 6.63
N CYS A 214 36.53 -9.86 5.35
CA CYS A 214 35.33 -10.06 4.52
C CYS A 214 35.58 -10.83 3.23
N GLN B 1 -12.75 8.77 -15.74
CA GLN B 1 -12.00 9.90 -16.27
C GLN B 1 -10.56 9.81 -15.82
N SER B 2 -9.66 9.51 -16.75
CA SER B 2 -8.24 9.45 -16.43
C SER B 2 -7.39 9.84 -17.63
N LEU B 3 -6.07 9.85 -17.44
CA LEU B 3 -5.15 10.21 -18.49
C LEU B 3 -3.94 9.29 -18.43
N GLU B 4 -3.34 9.02 -19.58
CA GLU B 4 -2.11 8.25 -19.62
C GLU B 4 -1.18 8.81 -20.69
N GLU B 5 -0.10 9.43 -20.25
CA GLU B 5 0.96 9.89 -21.16
C GLU B 5 1.73 8.67 -21.67
N SER B 6 2.38 8.81 -22.82
CA SER B 6 3.30 7.80 -23.35
C SER B 6 4.23 8.43 -24.36
N GLY B 7 5.26 7.70 -24.77
CA GLY B 7 6.18 8.20 -25.77
C GLY B 7 7.51 8.60 -25.13
N GLY B 8 7.52 8.64 -23.81
CA GLY B 8 8.73 8.96 -23.08
C GLY B 8 9.84 8.00 -23.44
N ASP B 9 11.09 8.45 -23.38
CA ASP B 9 12.17 7.62 -23.85
C ASP B 9 13.49 8.28 -23.54
N LEU B 10 14.56 7.50 -23.70
CA LEU B 10 15.91 8.02 -23.59
C LEU B 10 16.32 8.44 -25.00
N VAL B 11 16.73 9.69 -25.14
CA VAL B 11 17.13 10.24 -26.44
C VAL B 11 18.43 11.05 -26.31
N LYS B 12 19.10 11.26 -27.45
CA LYS B 12 20.33 12.05 -27.47
C LYS B 12 20.03 13.55 -27.45
N PRO B 13 20.97 14.35 -26.97
CA PRO B 13 20.83 15.79 -27.15
C PRO B 13 20.59 16.11 -28.63
N GLY B 14 19.70 17.06 -28.91
CA GLY B 14 19.40 17.44 -30.29
C GLY B 14 18.26 16.67 -30.93
N ALA B 15 17.84 15.58 -30.31
CA ALA B 15 16.81 14.72 -30.89
C ALA B 15 15.44 15.36 -30.72
N SER B 16 14.47 14.86 -31.46
CA SER B 16 13.08 15.23 -31.28
C SER B 16 12.35 14.05 -30.69
N LEU B 17 11.16 14.27 -30.18
CA LEU B 17 10.43 13.20 -29.49
C LEU B 17 9.02 13.64 -29.47
N THR B 18 8.10 12.71 -29.61
CA THR B 18 6.72 13.08 -29.47
C THR B 18 6.08 12.29 -28.36
N LEU B 19 5.39 13.02 -27.48
CA LEU B 19 4.70 12.43 -26.35
C LEU B 19 3.22 12.46 -26.65
N THR B 20 2.50 11.49 -26.13
CA THR B 20 1.06 11.42 -26.37
C THR B 20 0.34 11.29 -25.06
N CYS B 21 -0.71 12.08 -24.90
CA CYS B 21 -1.60 11.92 -23.79
C CYS B 21 -2.92 11.29 -24.27
N THR B 22 -3.30 10.17 -23.67
CA THR B 22 -4.55 9.53 -24.02
C THR B 22 -5.58 9.59 -22.89
N ALA B 23 -6.68 10.29 -23.16
CA ALA B 23 -7.81 10.39 -22.24
C ALA B 23 -8.66 9.12 -22.27
N SER B 24 -9.23 8.76 -21.13
CA SER B 24 -10.20 7.67 -21.06
C SER B 24 -11.37 8.12 -20.20
N GLY B 25 -12.55 7.59 -20.49
CA GLY B 25 -13.71 7.86 -19.66
C GLY B 25 -14.18 9.30 -19.82
N PHE B 26 -13.67 9.96 -20.85
CA PHE B 26 -14.17 11.26 -21.28
C PHE B 26 -13.49 11.65 -22.60
N SER B 27 -14.03 12.68 -23.26
CA SER B 27 -13.40 13.16 -24.49
C SER B 27 -13.39 14.69 -24.54
N PHE B 28 -12.45 15.24 -25.27
CA PHE B 28 -12.17 16.67 -25.21
C PHE B 28 -13.38 17.49 -25.67
N THR B 29 -13.78 18.46 -24.85
CA THR B 29 -14.89 19.32 -25.21
C THR B 29 -14.57 20.76 -24.85
N ASN B 30 -15.41 21.68 -25.31
CA ASN B 30 -15.17 23.10 -25.12
C ASN B 30 -15.15 23.50 -23.64
N ASN B 31 -15.19 22.51 -22.76
CA ASN B 31 -15.18 22.80 -21.33
C ASN B 31 -13.78 22.88 -20.72
N TYR B 32 -12.78 22.36 -21.42
CA TYR B 32 -11.44 22.22 -20.87
C TYR B 32 -10.35 22.65 -21.82
N TYR B 33 -9.19 22.96 -21.25
CA TYR B 33 -7.97 22.90 -22.02
C TYR B 33 -7.29 21.59 -21.65
N MET B 34 -6.57 21.01 -22.60
CA MET B 34 -5.69 19.89 -22.33
C MET B 34 -4.27 20.40 -22.33
N CYS B 35 -3.49 19.96 -21.36
CA CYS B 35 -2.24 20.61 -21.07
C CYS B 35 -1.07 19.67 -20.80
N TRP B 36 0.14 20.17 -21.03
CA TRP B 36 1.35 19.47 -20.62
C TRP B 36 2.06 20.29 -19.55
N VAL B 37 2.50 19.61 -18.51
CA VAL B 37 3.26 20.22 -17.45
C VAL B 37 4.40 19.26 -17.17
N ARG B 38 5.61 19.78 -17.12
CA ARG B 38 6.73 18.87 -16.89
C ARG B 38 7.36 19.14 -15.54
N GLN B 39 8.28 18.27 -15.14
CA GLN B 39 8.98 18.41 -13.88
C GLN B 39 10.30 17.62 -13.89
N ALA B 40 11.39 18.36 -13.97
CA ALA B 40 12.73 17.79 -13.96
C ALA B 40 13.04 17.24 -12.58
N PRO B 41 13.84 16.16 -12.50
CA PRO B 41 13.99 15.43 -11.24
C PRO B 41 14.50 16.32 -10.11
N GLY B 42 13.74 16.35 -9.02
CA GLY B 42 14.10 17.12 -7.84
C GLY B 42 13.76 18.60 -7.97
N LYS B 43 12.98 18.94 -9.01
CA LYS B 43 12.63 20.34 -9.28
C LYS B 43 11.13 20.61 -9.29
N GLY B 44 10.76 21.85 -9.58
CA GLY B 44 9.37 22.28 -9.45
C GLY B 44 8.53 21.97 -10.68
N LEU B 45 7.23 22.21 -10.59
CA LEU B 45 6.33 22.00 -11.71
C LEU B 45 6.60 23.08 -12.72
N GLU B 46 6.55 22.72 -14.00
CA GLU B 46 6.79 23.67 -15.08
C GLU B 46 5.71 23.52 -16.16
N TRP B 47 4.86 24.52 -16.27
CA TRP B 47 3.83 24.52 -17.31
C TRP B 47 4.44 24.66 -18.70
N ILE B 48 3.83 24.01 -19.68
CA ILE B 48 4.41 23.93 -21.02
C ILE B 48 3.46 24.42 -22.10
N ALA B 49 2.26 23.84 -22.16
CA ALA B 49 1.31 24.21 -23.21
C ALA B 49 -0.12 23.75 -22.94
N CYS B 50 -1.08 24.48 -23.50
CA CYS B 50 -2.46 24.10 -23.40
C CYS B 50 -3.08 24.17 -24.79
N ILE B 51 -4.08 23.34 -25.04
CA ILE B 51 -4.83 23.40 -26.28
C ILE B 51 -6.30 23.20 -25.95
N TYR B 52 -7.12 24.02 -26.59
CA TYR B 52 -8.56 24.05 -26.32
C TYR B 52 -9.27 22.74 -26.63
N GLY B 53 -9.99 22.21 -25.65
CA GLY B 53 -10.79 21.02 -25.86
C GLY B 53 -11.92 21.26 -26.84
N GLY B 54 -12.36 22.51 -26.95
CA GLY B 54 -13.39 22.89 -27.90
C GLY B 54 -12.94 22.84 -29.35
N GLY B 55 -13.83 23.22 -30.25
CA GLY B 55 -13.60 23.05 -31.67
C GLY B 55 -12.65 24.05 -32.28
N ARG B 56 -12.69 25.28 -31.76
CA ARG B 56 -11.81 26.33 -32.26
C ARG B 56 -10.36 25.99 -31.95
N ASP B 57 -9.45 26.35 -32.84
CA ASP B 57 -8.04 26.12 -32.59
C ASP B 57 -7.44 27.22 -31.74
N ILE B 58 -7.30 26.96 -30.44
CA ILE B 58 -6.64 27.88 -29.54
C ILE B 58 -5.53 27.18 -28.76
N VAL B 59 -4.30 27.67 -28.92
CA VAL B 59 -3.16 27.08 -28.24
C VAL B 59 -2.38 28.14 -27.49
N PHE B 60 -1.90 27.79 -26.30
CA PHE B 60 -1.04 28.67 -25.52
C PHE B 60 0.24 27.96 -25.13
N TYR B 61 1.35 28.65 -25.29
CA TYR B 61 2.62 28.08 -24.92
C TYR B 61 3.24 28.94 -23.86
N ALA B 62 3.98 28.30 -22.96
CA ALA B 62 4.86 29.00 -22.07
C ALA B 62 5.88 29.64 -22.97
N THR B 63 6.43 30.77 -22.54
CA THR B 63 7.29 31.56 -23.39
C THR B 63 8.61 30.88 -23.71
N TRP B 64 9.03 29.91 -22.89
CA TRP B 64 10.25 29.14 -23.21
C TRP B 64 9.94 27.98 -24.17
N ALA B 65 8.65 27.74 -24.40
CA ALA B 65 8.22 26.58 -25.17
C ALA B 65 7.95 26.91 -26.64
N LYS B 66 7.16 27.95 -26.87
CA LYS B 66 6.79 28.34 -28.23
C LYS B 66 8.02 28.50 -29.11
N GLY B 67 8.04 27.78 -30.22
CA GLY B 67 9.20 27.79 -31.09
C GLY B 67 9.98 26.48 -31.07
N ARG B 68 9.74 25.66 -30.05
CA ARG B 68 10.53 24.45 -29.88
C ARG B 68 9.64 23.23 -29.58
N PHE B 69 8.47 23.49 -29.00
CA PHE B 69 7.54 22.43 -28.65
C PHE B 69 6.22 22.68 -29.37
N THR B 70 5.52 21.63 -29.75
CA THR B 70 4.21 21.84 -30.35
C THR B 70 3.14 20.96 -29.73
N ILE B 71 2.07 21.59 -29.22
CA ILE B 71 0.93 20.82 -28.73
C ILE B 71 -0.14 20.72 -29.82
N SER B 72 -0.84 19.59 -29.88
CA SER B 72 -1.90 19.40 -30.88
C SER B 72 -2.93 18.38 -30.44
N LYS B 73 -4.15 18.50 -30.96
CA LYS B 73 -5.17 17.47 -30.75
C LYS B 73 -5.11 16.53 -31.95
N THR B 74 -4.82 15.25 -31.73
CA THR B 74 -4.79 14.32 -32.85
C THR B 74 -6.05 13.48 -32.92
N SER B 75 -6.90 13.62 -31.92
CA SER B 75 -8.23 13.04 -31.92
C SER B 75 -8.98 13.68 -30.78
N SER B 76 -10.16 13.16 -30.44
CA SER B 76 -10.91 13.67 -29.31
C SER B 76 -10.41 13.08 -27.99
N THR B 77 -9.55 12.06 -28.07
CA THR B 77 -9.06 11.40 -26.87
C THR B 77 -7.54 11.43 -26.76
N THR B 78 -6.89 12.07 -27.73
CA THR B 78 -5.44 12.16 -27.73
C THR B 78 -4.92 13.57 -28.02
N VAL B 79 -3.98 14.02 -27.21
CA VAL B 79 -3.27 15.27 -27.47
C VAL B 79 -1.79 14.90 -27.50
N THR B 80 -1.03 15.46 -28.43
CA THR B 80 0.40 15.19 -28.47
C THR B 80 1.21 16.42 -28.15
N LEU B 81 2.44 16.20 -27.70
CA LEU B 81 3.39 17.27 -27.50
C LEU B 81 4.58 16.85 -28.29
N GLN B 82 4.94 17.61 -29.31
CA GLN B 82 6.18 17.33 -30.04
C GLN B 82 7.28 18.23 -29.51
N MET B 83 8.42 17.63 -29.22
CA MET B 83 9.55 18.36 -28.69
C MET B 83 10.67 18.29 -29.69
N THR B 84 11.35 19.40 -29.93
CA THR B 84 12.50 19.34 -30.81
C THR B 84 13.72 19.91 -30.10
N SER B 85 14.88 19.70 -30.70
CA SER B 85 16.13 20.22 -30.19
C SER B 85 16.28 20.03 -28.68
N LEU B 86 16.06 18.80 -28.22
CA LEU B 86 16.12 18.44 -26.82
C LEU B 86 17.53 18.51 -26.22
N THR B 87 17.58 18.96 -24.98
CA THR B 87 18.83 19.00 -24.24
C THR B 87 18.54 18.35 -22.90
N ALA B 88 19.61 18.03 -22.16
CA ALA B 88 19.51 17.49 -20.80
C ALA B 88 18.59 18.29 -19.87
N ALA B 89 18.43 19.59 -20.12
CA ALA B 89 17.52 20.42 -19.33
C ALA B 89 16.06 20.05 -19.56
N ASP B 90 15.83 19.22 -20.57
CA ASP B 90 14.49 18.76 -20.91
C ASP B 90 14.16 17.42 -20.27
N THR B 91 15.15 16.82 -19.61
CA THR B 91 14.94 15.60 -18.84
C THR B 91 13.92 15.89 -17.75
N ALA B 92 12.84 15.12 -17.70
CA ALA B 92 11.77 15.42 -16.80
C ALA B 92 10.73 14.33 -16.88
N THR B 93 9.84 14.30 -15.90
CA THR B 93 8.62 13.57 -16.11
C THR B 93 7.67 14.56 -16.77
N TYR B 94 6.91 14.07 -17.73
CA TYR B 94 5.98 14.91 -18.43
C TYR B 94 4.54 14.49 -18.12
N PHE B 95 3.77 15.40 -17.53
CA PHE B 95 2.38 15.12 -17.18
C PHE B 95 1.43 15.68 -18.21
N CYS B 96 0.35 14.97 -18.42
CA CYS B 96 -0.76 15.48 -19.19
C CYS B 96 -1.77 15.85 -18.13
N ALA B 97 -2.44 16.99 -18.31
CA ALA B 97 -3.36 17.47 -17.30
C ALA B 97 -4.56 18.17 -17.91
N ARG B 98 -5.74 17.91 -17.36
CA ARG B 98 -6.93 18.60 -17.83
C ARG B 98 -7.10 19.91 -17.10
N GLU B 99 -7.48 20.95 -17.83
CA GLU B 99 -7.54 22.26 -17.21
C GLU B 99 -8.93 22.89 -17.25
N ASN B 100 -9.38 23.29 -16.07
CA ASN B 100 -10.64 23.99 -15.96
C ASN B 100 -10.51 25.47 -16.28
N PHE B 101 -11.63 26.06 -16.69
CA PHE B 101 -11.67 27.50 -16.88
C PHE B 101 -13.09 28.00 -16.80
N ASP B 102 -13.25 29.23 -16.34
CA ASP B 102 -14.51 29.91 -16.45
C ASP B 102 -14.48 30.79 -17.67
N ALA B 103 -15.57 30.78 -18.43
CA ALA B 103 -15.71 31.67 -19.58
C ALA B 103 -16.34 32.99 -19.16
N VAL B 104 -15.54 33.97 -18.78
CA VAL B 104 -16.07 35.29 -18.49
C VAL B 104 -16.33 35.99 -19.82
N GLY B 105 -17.24 36.95 -19.81
CA GLY B 105 -17.51 37.74 -21.00
C GLY B 105 -16.89 39.11 -20.89
N VAL B 106 -16.51 39.67 -22.04
CA VAL B 106 -16.14 41.07 -22.14
C VAL B 106 -17.00 41.66 -23.27
N GLY B 107 -16.77 42.91 -23.65
CA GLY B 107 -17.57 43.54 -24.68
C GLY B 107 -17.50 42.91 -26.07
N GLY B 108 -18.31 41.87 -26.30
CA GLY B 108 -18.45 41.32 -27.63
C GLY B 108 -18.08 39.86 -27.82
N GLY B 109 -17.30 39.33 -26.88
CA GLY B 109 -16.85 37.94 -26.94
C GLY B 109 -16.50 37.39 -25.58
N THR B 110 -16.53 36.07 -25.44
CA THR B 110 -16.17 35.41 -24.19
C THR B 110 -14.70 35.01 -24.15
N TYR B 111 -14.10 35.06 -22.97
CA TYR B 111 -12.71 34.69 -22.79
C TYR B 111 -12.55 33.68 -21.67
N SER B 112 -11.50 32.86 -21.75
CA SER B 112 -11.21 31.88 -20.71
C SER B 112 -10.32 32.48 -19.66
N THR B 113 -10.58 32.11 -18.41
CA THR B 113 -9.73 32.44 -17.27
C THR B 113 -10.06 31.48 -16.12
N ASP B 114 -9.53 31.75 -14.93
CA ASP B 114 -9.69 30.84 -13.79
C ASP B 114 -9.28 29.42 -14.16
N TYR B 115 -8.01 29.28 -14.53
CA TYR B 115 -7.44 27.98 -14.87
C TYR B 115 -6.96 27.23 -13.64
N TYR B 116 -7.39 25.98 -13.54
CA TYR B 116 -6.78 25.05 -12.60
C TYR B 116 -6.87 23.65 -13.18
N PHE B 117 -5.97 22.77 -12.73
CA PHE B 117 -5.89 21.42 -13.25
C PHE B 117 -6.62 20.47 -12.32
N ASP B 118 -7.62 19.77 -12.85
CA ASP B 118 -8.37 18.85 -12.00
C ASP B 118 -8.12 17.37 -12.31
N LEU B 119 -7.21 17.10 -13.24
CA LEU B 119 -6.97 15.74 -13.70
C LEU B 119 -5.56 15.61 -14.27
N TRP B 120 -4.84 14.61 -13.81
CA TRP B 120 -3.45 14.42 -14.25
C TRP B 120 -3.16 12.97 -14.58
N GLY B 121 -2.28 12.74 -15.55
CA GLY B 121 -1.76 11.42 -15.82
C GLY B 121 -0.67 11.17 -14.80
N PRO B 122 -0.11 9.95 -14.80
CA PRO B 122 1.00 9.64 -13.88
C PRO B 122 2.32 10.09 -14.49
N GLY B 123 2.28 10.47 -15.76
CA GLY B 123 3.48 10.98 -16.41
C GLY B 123 4.22 9.99 -17.26
N THR B 124 4.99 10.51 -18.22
CA THR B 124 5.97 9.69 -18.93
C THR B 124 7.35 10.31 -18.81
N LEU B 125 8.36 9.46 -18.67
CA LEU B 125 9.72 9.92 -18.42
C LEU B 125 10.48 10.19 -19.72
N VAL B 126 10.94 11.42 -19.88
CA VAL B 126 11.83 11.74 -20.97
C VAL B 126 13.23 11.99 -20.43
N ILE B 127 14.21 11.32 -20.99
CA ILE B 127 15.58 11.36 -20.49
C ILE B 127 16.47 11.73 -21.68
N VAL B 128 17.17 12.85 -21.60
CA VAL B 128 17.99 13.28 -22.75
C VAL B 128 19.42 13.25 -22.32
N SER B 129 20.23 12.42 -22.97
CA SER B 129 21.61 12.19 -22.53
C SER B 129 22.46 11.60 -23.65
N SER B 130 23.75 11.89 -23.63
CA SER B 130 24.66 11.39 -24.66
C SER B 130 25.02 9.94 -24.38
N GLY B 131 24.48 9.40 -23.29
CA GLY B 131 24.86 8.08 -22.85
C GLY B 131 23.85 7.10 -23.36
N GLN B 132 24.30 5.88 -23.65
CA GLN B 132 23.41 4.85 -24.18
C GLN B 132 22.70 4.17 -23.02
N PRO B 133 21.61 3.46 -23.31
CA PRO B 133 20.94 2.71 -22.26
C PRO B 133 21.90 1.71 -21.62
N LYS B 134 21.90 1.64 -20.30
CA LYS B 134 22.74 0.65 -19.64
C LYS B 134 21.93 -0.13 -18.63
N ALA B 135 22.06 -1.45 -18.69
CA ALA B 135 21.42 -2.33 -17.73
C ALA B 135 22.24 -2.28 -16.45
N PRO B 136 21.60 -2.42 -15.29
CA PRO B 136 22.35 -2.33 -14.02
C PRO B 136 23.10 -3.60 -13.65
N SER B 137 24.24 -3.47 -12.99
CA SER B 137 24.81 -4.60 -12.29
C SER B 137 24.24 -4.59 -10.88
N VAL B 138 23.98 -5.77 -10.34
CA VAL B 138 23.34 -5.90 -9.05
C VAL B 138 24.25 -6.62 -8.08
N PHE B 139 24.53 -6.02 -6.93
CA PHE B 139 25.40 -6.65 -5.96
C PHE B 139 24.70 -6.94 -4.66
N PRO B 140 25.04 -8.07 -4.04
CA PRO B 140 24.42 -8.38 -2.77
C PRO B 140 24.98 -7.48 -1.64
N LEU B 141 24.11 -7.15 -0.69
CA LEU B 141 24.50 -6.42 0.52
C LEU B 141 24.26 -7.32 1.70
N ALA B 142 25.34 -7.62 2.42
CA ALA B 142 25.28 -8.47 3.58
C ALA B 142 26.36 -8.05 4.58
N PRO B 143 26.10 -8.29 5.85
CA PRO B 143 27.05 -7.98 6.93
C PRO B 143 28.33 -8.79 6.79
N CYS B 144 29.43 -8.22 7.24
CA CYS B 144 30.73 -8.85 7.20
C CYS B 144 30.67 -10.33 7.58
N CYS B 145 31.31 -11.18 6.78
CA CYS B 145 31.40 -12.61 7.04
C CYS B 145 32.20 -12.90 8.31
N GLY B 146 33.25 -12.10 8.52
CA GLY B 146 34.06 -12.20 9.72
C GLY B 146 33.37 -11.64 10.95
N ASP B 147 32.11 -11.21 10.77
CA ASP B 147 31.30 -10.75 11.88
C ASP B 147 30.36 -11.86 12.35
N THR B 148 29.96 -11.78 13.63
CA THR B 148 29.21 -12.85 14.29
C THR B 148 27.70 -12.74 14.09
N PRO B 149 27.10 -13.78 13.47
CA PRO B 149 25.67 -13.90 13.12
C PRO B 149 24.70 -13.56 14.27
N SER B 150 23.73 -12.68 13.97
CA SER B 150 22.64 -12.38 14.89
C SER B 150 21.38 -13.11 14.45
N ALA B 151 20.37 -13.13 15.33
CA ALA B 151 19.07 -13.70 15.01
C ALA B 151 18.45 -12.95 13.84
N THR B 152 18.08 -11.69 14.08
CA THR B 152 17.62 -10.78 13.03
C THR B 152 18.80 -10.27 12.20
N VAL B 153 18.56 -10.06 10.90
CA VAL B 153 19.61 -9.59 10.01
C VAL B 153 18.99 -8.81 8.84
N THR B 154 19.73 -7.85 8.32
CA THR B 154 19.25 -7.03 7.21
C THR B 154 20.14 -7.24 6.01
N LEU B 155 19.52 -7.51 4.87
CA LEU B 155 20.26 -7.79 3.65
C LEU B 155 19.73 -6.86 2.59
N GLY B 156 20.43 -6.77 1.46
CA GLY B 156 19.92 -5.97 0.37
C GLY B 156 20.65 -6.11 -0.95
N CYS B 157 20.27 -5.29 -1.92
CA CYS B 157 20.94 -5.31 -3.21
C CYS B 157 21.36 -3.93 -3.61
N LEU B 158 22.61 -3.78 -3.99
CA LEU B 158 23.05 -2.55 -4.59
C LEU B 158 22.76 -2.69 -6.06
N VAL B 159 22.02 -1.74 -6.62
CA VAL B 159 21.71 -1.73 -8.05
C VAL B 159 22.42 -0.58 -8.71
N LYS B 160 23.53 -0.88 -9.38
CA LYS B 160 24.50 0.14 -9.81
C LYS B 160 24.60 0.39 -11.32
N GLY B 161 24.62 1.68 -11.68
CA GLY B 161 24.99 2.09 -13.03
C GLY B 161 24.01 1.80 -14.15
N TYR B 162 22.75 2.16 -13.99
CA TYR B 162 21.77 2.03 -15.05
C TYR B 162 21.31 3.36 -15.65
N LEU B 163 20.67 3.27 -16.80
CA LEU B 163 20.22 4.44 -17.55
C LEU B 163 19.35 3.87 -18.63
N PRO B 164 18.12 4.39 -18.79
CA PRO B 164 17.60 5.48 -17.97
C PRO B 164 16.88 4.95 -16.74
N GLU B 165 16.16 5.82 -16.04
CA GLU B 165 15.29 5.39 -14.97
C GLU B 165 14.01 4.85 -15.60
N PRO B 166 13.24 4.04 -14.86
CA PRO B 166 13.58 3.58 -13.50
C PRO B 166 13.96 2.11 -13.49
N VAL B 167 14.36 1.62 -12.32
CA VAL B 167 14.38 0.20 -12.04
C VAL B 167 13.35 -0.08 -10.94
N THR B 168 12.99 -1.35 -10.77
CA THR B 168 12.13 -1.72 -9.65
C THR B 168 12.78 -2.88 -8.92
N VAL B 169 12.60 -2.93 -7.61
CA VAL B 169 13.19 -4.00 -6.81
C VAL B 169 12.11 -4.68 -6.03
N THR B 170 12.04 -5.99 -6.11
CA THR B 170 11.17 -6.73 -5.20
C THR B 170 11.98 -7.80 -4.51
N TRP B 171 11.37 -8.43 -3.52
CA TRP B 171 12.05 -9.45 -2.74
C TRP B 171 11.27 -10.75 -2.76
N ASN B 172 11.95 -11.84 -3.08
CA ASN B 172 11.27 -13.12 -3.28
C ASN B 172 9.99 -12.95 -4.09
N SER B 173 10.11 -12.26 -5.21
CA SER B 173 9.04 -12.09 -6.17
C SER B 173 7.82 -11.41 -5.58
N GLY B 174 8.04 -10.58 -4.57
CA GLY B 174 6.97 -9.77 -4.02
C GLY B 174 6.26 -10.39 -2.84
N THR B 175 6.73 -11.55 -2.40
CA THR B 175 6.17 -12.23 -1.23
C THR B 175 6.78 -11.71 0.05
N LEU B 176 7.95 -11.09 -0.04
CA LEU B 176 8.58 -10.49 1.11
C LEU B 176 8.48 -8.99 0.96
N THR B 177 7.62 -8.35 1.75
CA THR B 177 7.48 -6.89 1.66
C THR B 177 7.79 -6.22 2.99
N ASN B 178 7.47 -6.89 4.08
CA ASN B 178 7.69 -6.30 5.40
C ASN B 178 9.16 -6.04 5.68
N GLY B 179 9.45 -4.79 6.05
CA GLY B 179 10.81 -4.40 6.36
C GLY B 179 11.60 -4.05 5.13
N VAL B 180 10.92 -3.87 4.01
CA VAL B 180 11.58 -3.52 2.75
C VAL B 180 11.73 -2.02 2.64
N ARG B 181 12.97 -1.57 2.46
CA ARG B 181 13.28 -0.17 2.31
C ARG B 181 14.12 0.04 1.05
N THR B 182 13.56 0.77 0.09
CA THR B 182 14.22 1.04 -1.19
C THR B 182 14.49 2.54 -1.37
N PHE B 183 15.77 2.93 -1.45
CA PHE B 183 16.09 4.36 -1.47
C PHE B 183 15.88 5.00 -2.83
N PRO B 184 15.69 6.32 -2.85
CA PRO B 184 15.57 7.04 -4.11
C PRO B 184 16.84 6.86 -4.96
N SER B 185 16.73 6.90 -6.28
CA SER B 185 17.93 6.74 -7.10
C SER B 185 18.88 7.92 -6.91
N VAL B 186 20.09 7.78 -7.42
CA VAL B 186 21.10 8.83 -7.36
C VAL B 186 21.89 8.79 -8.65
N ARG B 187 21.92 9.92 -9.34
CA ARG B 187 22.63 10.01 -10.60
C ARG B 187 24.08 10.26 -10.24
N GLN B 188 24.99 9.49 -10.82
CA GLN B 188 26.38 9.61 -10.41
C GLN B 188 27.12 10.50 -11.38
N SER B 189 28.42 10.72 -11.15
CA SER B 189 29.23 11.51 -12.08
C SER B 189 29.03 11.04 -13.52
N SER B 190 29.02 9.72 -13.67
CA SER B 190 28.98 9.09 -15.00
C SER B 190 27.67 9.40 -15.71
N GLY B 191 26.72 9.99 -15.00
CA GLY B 191 25.38 10.21 -15.51
C GLY B 191 24.53 8.96 -15.37
N LEU B 192 25.12 7.89 -14.83
CA LEU B 192 24.39 6.67 -14.59
C LEU B 192 23.66 6.74 -13.26
N TYR B 193 22.57 5.99 -13.16
CA TYR B 193 21.80 5.96 -11.94
C TYR B 193 22.14 4.77 -11.08
N SER B 194 21.78 4.86 -9.81
CA SER B 194 22.15 3.85 -8.83
C SER B 194 21.21 3.90 -7.65
N LEU B 195 20.88 2.75 -7.10
CA LEU B 195 20.01 2.72 -5.93
C LEU B 195 20.15 1.42 -5.13
N SER B 196 19.91 1.48 -3.84
CA SER B 196 19.93 0.29 -3.01
C SER B 196 18.55 -0.04 -2.47
N SER B 197 18.38 -1.31 -2.12
CA SER B 197 17.18 -1.79 -1.46
C SER B 197 17.57 -2.82 -0.41
N VAL B 198 17.13 -2.61 0.83
CA VAL B 198 17.44 -3.52 1.92
C VAL B 198 16.15 -4.06 2.52
N VAL B 199 16.24 -5.22 3.13
CA VAL B 199 15.08 -5.81 3.79
C VAL B 199 15.53 -6.48 5.07
N SER B 200 14.71 -6.37 6.10
CA SER B 200 15.03 -6.95 7.40
C SER B 200 14.31 -8.26 7.54
N VAL B 201 15.09 -9.30 7.86
CA VAL B 201 14.58 -10.64 8.04
C VAL B 201 15.15 -11.23 9.31
N THR B 202 14.56 -12.33 9.75
CA THR B 202 15.03 -13.02 10.94
C THR B 202 15.86 -14.19 10.49
N SER B 203 15.19 -15.15 9.88
CA SER B 203 15.80 -16.37 9.35
C SER B 203 17.06 -16.13 8.52
N SER B 204 18.21 -16.44 9.11
CA SER B 204 19.48 -16.28 8.44
C SER B 204 19.79 -17.56 7.67
N SER B 205 19.27 -18.67 8.20
CA SER B 205 19.43 -19.98 7.57
C SER B 205 18.88 -20.01 6.14
N GLN B 206 18.12 -18.97 5.79
CA GLN B 206 17.48 -18.90 4.48
C GLN B 206 18.04 -17.77 3.64
N PRO B 207 18.03 -17.95 2.33
CA PRO B 207 18.43 -16.85 1.45
C PRO B 207 17.19 -16.06 1.05
N VAL B 208 17.39 -14.78 0.72
CA VAL B 208 16.33 -13.94 0.21
C VAL B 208 16.81 -13.56 -1.18
N THR B 209 15.87 -13.31 -2.09
CA THR B 209 16.25 -12.97 -3.45
C THR B 209 15.68 -11.64 -3.89
N CYS B 210 16.55 -10.76 -4.36
CA CYS B 210 16.06 -9.49 -4.85
C CYS B 210 15.84 -9.56 -6.37
N ASN B 211 14.67 -9.09 -6.81
CA ASN B 211 14.34 -9.08 -8.21
C ASN B 211 14.42 -7.65 -8.75
N VAL B 212 15.35 -7.42 -9.66
CA VAL B 212 15.58 -6.09 -10.21
C VAL B 212 15.15 -6.02 -11.66
N ALA B 213 14.19 -5.16 -11.95
CA ALA B 213 13.72 -4.98 -13.31
C ALA B 213 14.20 -3.66 -13.88
N HIS B 214 14.77 -3.70 -15.09
CA HIS B 214 15.10 -2.47 -15.81
C HIS B 214 14.49 -2.47 -17.20
N PRO B 215 13.20 -2.10 -17.30
CA PRO B 215 12.41 -2.19 -18.53
C PRO B 215 13.09 -1.55 -19.72
N ALA B 216 13.81 -0.47 -19.49
CA ALA B 216 14.44 0.21 -20.61
C ALA B 216 15.42 -0.67 -21.44
N THR B 217 16.03 -1.66 -20.80
CA THR B 217 16.92 -2.59 -21.48
C THR B 217 16.29 -3.97 -21.51
N ASN B 218 15.05 -4.07 -21.04
CA ASN B 218 14.40 -5.37 -20.98
C ASN B 218 15.19 -6.39 -20.20
N THR B 219 15.81 -5.93 -19.12
CA THR B 219 16.55 -6.79 -18.26
C THR B 219 15.77 -7.03 -16.99
N LYS B 220 15.91 -8.24 -16.46
CA LYS B 220 15.58 -8.54 -15.09
C LYS B 220 16.76 -9.27 -14.51
N VAL B 221 17.10 -8.96 -13.26
CA VAL B 221 18.20 -9.60 -12.59
C VAL B 221 17.73 -10.15 -11.26
N ASP B 222 18.00 -11.42 -10.99
CA ASP B 222 17.74 -11.97 -9.66
C ASP B 222 19.07 -12.16 -8.98
N LYS B 223 19.18 -11.68 -7.75
CA LYS B 223 20.39 -11.92 -6.99
C LYS B 223 20.01 -12.55 -5.68
N THR B 224 20.55 -13.73 -5.41
CA THR B 224 20.30 -14.39 -4.14
C THR B 224 21.36 -13.96 -3.15
N VAL B 225 20.90 -13.57 -1.97
CA VAL B 225 21.78 -12.99 -0.96
C VAL B 225 21.93 -13.90 0.26
N ALA B 226 23.17 -14.30 0.53
CA ALA B 226 23.47 -15.15 1.69
C ALA B 226 24.23 -14.37 2.78
N PRO B 227 23.68 -14.36 4.00
CA PRO B 227 24.25 -13.64 5.16
C PRO B 227 25.78 -13.75 5.26
N GLU C 4 -18.78 28.78 -27.32
CA GLU C 4 -17.33 28.72 -27.15
C GLU C 4 -16.66 30.10 -26.97
N ILE C 5 -15.47 30.07 -26.38
CA ILE C 5 -14.65 31.25 -26.12
C ILE C 5 -13.89 31.63 -27.39
N ILE C 6 -13.08 32.69 -27.31
CA ILE C 6 -12.23 33.04 -28.45
C ILE C 6 -10.78 33.28 -28.06
N GLY C 7 -10.50 33.28 -26.75
CA GLY C 7 -9.14 33.45 -26.27
C GLY C 7 -8.99 33.63 -24.78
N ASP C 8 -7.76 33.90 -24.35
CA ASP C 8 -7.45 34.12 -22.95
C ASP C 8 -7.91 35.51 -22.51
N ILE C 9 -8.43 35.61 -21.29
CA ILE C 9 -8.94 36.88 -20.77
C ILE C 9 -8.00 38.07 -21.06
N ARG C 10 -6.70 37.82 -21.13
CA ARG C 10 -5.73 38.89 -21.33
C ARG C 10 -5.63 39.30 -22.80
N GLN C 11 -6.49 38.72 -23.64
CA GLN C 11 -6.54 39.09 -25.05
C GLN C 11 -7.75 39.97 -25.41
N ALA C 12 -8.55 40.36 -24.41
CA ALA C 12 -9.72 41.21 -24.65
C ALA C 12 -9.33 42.60 -25.17
N ASP D 1 -30.95 1.92 3.64
CA ASP D 1 -32.03 2.35 2.75
C ASP D 1 -31.47 2.99 1.48
N ILE D 2 -30.18 3.24 1.48
CA ILE D 2 -29.43 3.35 0.25
C ILE D 2 -28.75 2.00 0.22
N VAL D 3 -29.15 1.14 -0.70
CA VAL D 3 -28.63 -0.21 -0.73
C VAL D 3 -27.55 -0.40 -1.77
N MET D 4 -26.38 -0.83 -1.35
CA MET D 4 -25.27 -1.06 -2.27
C MET D 4 -25.20 -2.52 -2.70
N THR D 5 -25.30 -2.75 -4.01
CA THR D 5 -25.27 -4.10 -4.53
C THR D 5 -24.06 -4.35 -5.42
N GLN D 6 -23.14 -5.19 -4.96
CA GLN D 6 -21.95 -5.47 -5.75
C GLN D 6 -22.11 -6.71 -6.56
N THR D 7 -21.59 -6.68 -7.78
CA THR D 7 -21.68 -7.82 -8.65
C THR D 7 -20.44 -7.97 -9.52
N PRO D 8 -20.02 -9.22 -9.74
CA PRO D 8 -20.63 -10.39 -9.09
C PRO D 8 -19.90 -10.71 -7.80
N ALA D 9 -20.34 -11.73 -7.05
CA ALA D 9 -19.67 -12.12 -5.80
C ALA D 9 -18.22 -12.54 -6.02
N SER D 10 -17.93 -13.12 -7.18
CA SER D 10 -16.58 -13.53 -7.48
C SER D 10 -16.28 -13.41 -8.97
N VAL D 11 -15.04 -13.06 -9.26
CA VAL D 11 -14.61 -12.91 -10.63
C VAL D 11 -13.14 -13.29 -10.75
N SER D 12 -12.78 -13.89 -11.87
CA SER D 12 -11.41 -14.32 -12.09
C SER D 12 -10.86 -13.80 -13.43
N ALA D 13 -9.57 -14.00 -13.63
CA ALA D 13 -8.92 -13.60 -14.87
C ALA D 13 -7.45 -13.97 -14.81
N ALA D 14 -6.91 -14.40 -15.95
CA ALA D 14 -5.51 -14.77 -16.05
C ALA D 14 -4.66 -13.58 -15.70
N VAL D 15 -3.48 -13.84 -15.15
CA VAL D 15 -2.49 -12.79 -14.97
C VAL D 15 -2.41 -11.99 -16.28
N GLY D 16 -2.29 -10.67 -16.17
CA GLY D 16 -2.26 -9.80 -17.35
C GLY D 16 -3.64 -9.43 -17.87
N GLY D 17 -4.65 -10.23 -17.55
CA GLY D 17 -5.99 -9.95 -17.98
C GLY D 17 -6.58 -8.66 -17.42
N THR D 18 -7.90 -8.54 -17.49
CA THR D 18 -8.62 -7.41 -16.93
C THR D 18 -9.88 -7.92 -16.23
N VAL D 19 -10.16 -7.36 -15.07
CA VAL D 19 -11.29 -7.81 -14.29
C VAL D 19 -12.25 -6.63 -14.04
N THR D 20 -13.55 -6.89 -14.09
CA THR D 20 -14.55 -5.83 -13.90
C THR D 20 -15.54 -6.14 -12.78
N ILE D 21 -15.63 -5.25 -11.80
CA ILE D 21 -16.55 -5.42 -10.67
C ILE D 21 -17.61 -4.31 -10.70
N ASN D 22 -18.87 -4.68 -10.44
CA ASN D 22 -19.91 -3.67 -10.53
C ASN D 22 -20.46 -3.22 -9.17
N CYS D 23 -21.05 -2.03 -9.14
CA CYS D 23 -21.60 -1.50 -7.92
C CYS D 23 -22.85 -0.70 -8.23
N GLN D 24 -23.99 -1.23 -7.79
CA GLN D 24 -25.27 -0.60 -7.97
C GLN D 24 -25.76 0.06 -6.67
N ALA D 25 -26.08 1.34 -6.75
CA ALA D 25 -26.75 2.04 -5.66
C ALA D 25 -28.25 2.08 -5.94
N SER D 26 -29.03 1.83 -4.90
CA SER D 26 -30.48 1.82 -5.02
C SER D 26 -31.03 3.23 -5.25
N GLU D 27 -30.14 4.22 -5.23
CA GLU D 27 -30.55 5.58 -5.56
C GLU D 27 -29.31 6.40 -5.89
N THR D 28 -29.47 7.41 -6.74
CA THR D 28 -28.32 8.14 -7.21
C THR D 28 -27.53 8.61 -5.99
N ILE D 29 -26.21 8.47 -6.06
CA ILE D 29 -25.35 8.86 -4.93
C ILE D 29 -24.37 9.99 -5.28
N SER D 30 -24.64 10.70 -6.37
CA SER D 30 -23.91 11.91 -6.77
C SER D 30 -22.42 11.67 -6.92
N ASN D 31 -22.10 10.48 -7.39
CA ASN D 31 -20.73 10.10 -7.65
C ASN D 31 -19.86 10.05 -6.40
N TYR D 32 -20.48 9.86 -5.25
CA TYR D 32 -19.72 9.70 -4.02
C TYR D 32 -19.61 8.20 -3.78
N LEU D 33 -18.59 7.58 -4.37
CA LEU D 33 -18.45 6.14 -4.33
C LEU D 33 -16.99 5.78 -4.17
N ALA D 34 -16.68 4.89 -3.23
CA ALA D 34 -15.29 4.55 -2.96
C ALA D 34 -15.04 3.08 -3.19
N TRP D 35 -13.81 2.75 -3.53
CA TRP D 35 -13.40 1.35 -3.70
C TRP D 35 -12.27 1.02 -2.74
N TYR D 36 -12.40 -0.11 -2.05
CA TYR D 36 -11.38 -0.56 -1.12
C TYR D 36 -10.87 -1.95 -1.49
N GLN D 37 -9.60 -2.20 -1.20
CA GLN D 37 -9.04 -3.54 -1.35
C GLN D 37 -8.72 -4.11 0.01
N GLN D 38 -9.27 -5.28 0.32
CA GLN D 38 -8.90 -5.91 1.57
C GLN D 38 -8.28 -7.29 1.39
N LYS D 39 -7.11 -7.48 1.98
CA LYS D 39 -6.49 -8.79 2.08
C LYS D 39 -6.66 -9.36 3.50
N PRO D 40 -6.65 -10.69 3.65
CA PRO D 40 -7.02 -11.29 4.93
C PRO D 40 -6.14 -10.80 6.06
N GLY D 41 -6.74 -10.59 7.23
CA GLY D 41 -5.98 -10.16 8.39
C GLY D 41 -5.48 -8.71 8.37
N GLN D 42 -6.03 -7.89 7.49
CA GLN D 42 -5.73 -6.46 7.50
C GLN D 42 -6.95 -5.60 7.20
N PRO D 43 -6.89 -4.33 7.59
CA PRO D 43 -8.00 -3.45 7.27
C PRO D 43 -8.03 -3.18 5.77
N PRO D 44 -9.18 -2.79 5.26
CA PRO D 44 -9.31 -2.40 3.85
C PRO D 44 -8.31 -1.31 3.51
N LYS D 45 -7.89 -1.24 2.26
CA LYS D 45 -7.07 -0.15 1.76
C LYS D 45 -7.86 0.65 0.73
N LEU D 46 -7.97 1.96 0.95
CA LEU D 46 -8.61 2.85 -0.04
C LEU D 46 -7.90 2.89 -1.40
N LEU D 47 -8.62 2.53 -2.47
CA LEU D 47 -8.10 2.61 -3.83
C LEU D 47 -8.62 3.84 -4.56
N ILE D 48 -9.93 4.04 -4.49
CA ILE D 48 -10.61 5.10 -5.22
C ILE D 48 -11.69 5.77 -4.38
N TYR D 49 -11.82 7.09 -4.53
CA TYR D 49 -12.93 7.85 -3.93
C TYR D 49 -13.44 8.85 -4.96
N LYS D 50 -14.66 9.35 -4.75
CA LYS D 50 -15.32 10.19 -5.74
C LYS D 50 -15.45 9.47 -7.07
N ALA D 51 -15.70 8.15 -6.97
CA ALA D 51 -16.04 7.31 -8.10
C ALA D 51 -14.86 7.00 -9.01
N SER D 52 -13.95 7.96 -9.16
CA SER D 52 -12.91 7.77 -10.17
C SER D 52 -11.58 8.40 -9.81
N THR D 53 -11.49 8.98 -8.63
CA THR D 53 -10.23 9.56 -8.19
C THR D 53 -9.37 8.52 -7.48
N LEU D 54 -8.17 8.31 -8.01
CA LEU D 54 -7.24 7.33 -7.46
C LEU D 54 -6.76 7.86 -6.13
N ALA D 55 -6.75 7.03 -5.10
CA ALA D 55 -6.19 7.45 -3.82
C ALA D 55 -4.68 7.52 -3.99
N SER D 56 -4.01 8.29 -3.13
CA SER D 56 -2.59 8.49 -3.31
C SER D 56 -1.80 7.19 -3.20
N GLY D 57 -0.96 6.93 -4.18
CA GLY D 57 -0.08 5.78 -4.13
C GLY D 57 -0.62 4.56 -4.85
N VAL D 58 -1.90 4.61 -5.23
CA VAL D 58 -2.50 3.45 -5.86
C VAL D 58 -2.15 3.41 -7.33
N SER D 59 -1.91 2.19 -7.82
CA SER D 59 -1.63 1.96 -9.23
C SER D 59 -2.78 2.36 -10.15
N SER D 60 -2.44 2.96 -11.28
CA SER D 60 -3.45 3.36 -12.26
C SER D 60 -3.98 2.14 -13.03
N ARG D 61 -3.65 0.95 -12.54
CA ARG D 61 -4.25 -0.25 -13.08
C ARG D 61 -5.66 -0.34 -12.52
N PHE D 62 -5.92 0.52 -11.54
CA PHE D 62 -7.22 0.58 -10.90
C PHE D 62 -8.03 1.75 -11.43
N LYS D 63 -9.04 1.43 -12.23
CA LYS D 63 -9.89 2.44 -12.84
C LYS D 63 -11.30 2.36 -12.27
N GLY D 64 -11.74 3.43 -11.62
CA GLY D 64 -13.13 3.53 -11.22
C GLY D 64 -13.88 4.42 -12.19
N SER D 65 -15.18 4.15 -12.34
CA SER D 65 -15.99 4.87 -13.30
C SER D 65 -17.44 4.58 -13.01
N GLY D 66 -18.31 5.37 -13.65
CA GLY D 66 -19.74 5.24 -13.47
C GLY D 66 -20.31 6.55 -12.98
N SER D 67 -21.62 6.56 -12.78
CA SER D 67 -22.32 7.76 -12.35
C SER D 67 -23.75 7.45 -11.96
N GLY D 68 -24.35 8.34 -11.19
CA GLY D 68 -25.72 8.14 -10.74
C GLY D 68 -25.84 6.89 -9.88
N THR D 69 -26.20 5.79 -10.53
CA THR D 69 -26.63 4.60 -9.82
C THR D 69 -25.77 3.37 -10.15
N GLU D 70 -24.87 3.53 -11.12
CA GLU D 70 -24.10 2.40 -11.63
C GLU D 70 -22.58 2.71 -11.67
N TYR D 71 -21.81 1.97 -10.90
CA TYR D 71 -20.35 2.19 -10.82
C TYR D 71 -19.61 0.89 -11.09
N THR D 72 -18.35 1.02 -11.50
CA THR D 72 -17.54 -0.15 -11.75
C THR D 72 -16.09 0.13 -11.40
N LEU D 73 -15.38 -0.94 -11.05
CA LEU D 73 -13.97 -0.91 -10.75
C LEU D 73 -13.37 -1.81 -11.78
N THR D 74 -12.38 -1.32 -12.50
CA THR D 74 -11.71 -2.14 -13.49
C THR D 74 -10.26 -2.23 -13.10
N ILE D 75 -9.78 -3.47 -13.01
CA ILE D 75 -8.38 -3.73 -12.74
C ILE D 75 -7.75 -4.26 -14.00
N SER D 76 -6.67 -3.65 -14.44
CA SER D 76 -5.99 -4.13 -15.63
C SER D 76 -4.57 -4.59 -15.28
N GLY D 77 -3.94 -5.30 -16.21
CA GLY D 77 -2.61 -5.82 -15.97
C GLY D 77 -2.62 -6.64 -14.72
N VAL D 78 -3.67 -7.43 -14.56
CA VAL D 78 -3.89 -8.21 -13.35
C VAL D 78 -2.67 -8.99 -12.91
N GLN D 79 -2.31 -8.82 -11.63
CA GLN D 79 -1.21 -9.57 -11.02
C GLN D 79 -1.76 -10.51 -9.97
N CYS D 80 -0.99 -11.54 -9.66
CA CYS D 80 -1.34 -12.41 -8.54
C CYS D 80 -1.54 -11.58 -7.27
N ASP D 81 -0.80 -10.50 -7.16
CA ASP D 81 -0.85 -9.68 -5.96
C ASP D 81 -2.13 -8.87 -5.82
N ASP D 82 -3.05 -9.00 -6.78
CA ASP D 82 -4.35 -8.31 -6.67
C ASP D 82 -5.44 -9.26 -6.18
N ALA D 83 -5.10 -10.52 -5.94
CA ALA D 83 -6.05 -11.48 -5.38
C ALA D 83 -6.49 -10.98 -4.01
N ALA D 84 -7.76 -10.62 -3.88
CA ALA D 84 -8.23 -10.00 -2.67
C ALA D 84 -9.72 -9.80 -2.76
N THR D 85 -10.32 -9.25 -1.71
CA THR D 85 -11.72 -8.88 -1.80
C THR D 85 -11.80 -7.38 -1.94
N TYR D 86 -12.75 -6.92 -2.76
CA TYR D 86 -12.92 -5.51 -3.05
C TYR D 86 -14.33 -5.08 -2.66
N TYR D 87 -14.43 -3.89 -2.09
CA TYR D 87 -15.69 -3.32 -1.63
C TYR D 87 -15.97 -1.92 -2.21
N CYS D 88 -17.22 -1.66 -2.54
CA CYS D 88 -17.61 -0.29 -2.84
C CYS D 88 -18.33 0.28 -1.61
N GLN D 89 -18.29 1.60 -1.49
CA GLN D 89 -18.90 2.24 -0.34
C GLN D 89 -19.48 3.57 -0.76
N GLN D 90 -20.81 3.69 -0.71
CA GLN D 90 -21.45 4.95 -1.07
C GLN D 90 -21.12 5.98 -0.01
N GLY D 91 -20.86 7.21 -0.46
CA GLY D 91 -20.45 8.28 0.40
C GLY D 91 -21.44 9.43 0.37
N TYR D 92 -22.60 9.18 -0.21
CA TYR D 92 -23.63 10.20 -0.25
C TYR D 92 -24.11 10.52 1.16
N SER D 93 -24.38 9.49 1.96
CA SER D 93 -25.01 9.70 3.25
C SER D 93 -24.78 8.57 4.26
N ILE D 94 -24.82 8.95 5.55
CA ILE D 94 -24.76 8.00 6.65
C ILE D 94 -25.95 8.19 7.55
N SER D 95 -26.89 9.00 7.10
CA SER D 95 -28.13 9.20 7.85
C SER D 95 -29.19 8.25 7.32
N ASP D 96 -29.74 7.42 8.20
CA ASP D 96 -30.81 6.50 7.83
C ASP D 96 -30.36 5.45 6.81
N ILE D 97 -29.19 4.85 7.06
CA ILE D 97 -28.72 3.76 6.20
C ILE D 97 -28.42 2.53 7.03
N ASP D 98 -28.39 1.37 6.39
CA ASP D 98 -27.94 0.16 7.08
C ASP D 98 -26.43 0.00 6.94
N ASN D 99 -25.95 -0.27 5.74
CA ASN D 99 -24.52 -0.46 5.46
C ASN D 99 -24.17 0.47 4.32
N SER D 100 -23.03 1.16 4.42
CA SER D 100 -22.56 1.98 3.32
C SER D 100 -21.73 1.17 2.32
N PHE D 101 -21.34 -0.03 2.72
CA PHE D 101 -20.52 -0.91 1.89
C PHE D 101 -21.36 -1.89 1.13
N GLY D 102 -21.00 -2.17 -0.11
CA GLY D 102 -21.50 -3.36 -0.78
C GLY D 102 -21.01 -4.65 -0.11
N GLY D 103 -21.55 -5.78 -0.52
CA GLY D 103 -21.22 -7.03 0.10
C GLY D 103 -19.82 -7.50 -0.25
N GLY D 104 -19.18 -6.75 -1.15
CA GLY D 104 -17.85 -7.08 -1.60
C GLY D 104 -17.80 -8.06 -2.77
N THR D 105 -16.65 -8.10 -3.45
CA THR D 105 -16.40 -9.03 -4.54
C THR D 105 -15.04 -9.69 -4.39
N GLU D 106 -15.00 -11.02 -4.51
CA GLU D 106 -13.73 -11.72 -4.51
C GLU D 106 -13.12 -11.75 -5.90
N VAL D 107 -11.84 -11.44 -5.97
CA VAL D 107 -11.11 -11.53 -7.21
C VAL D 107 -10.09 -12.66 -7.16
N VAL D 108 -10.26 -13.63 -8.04
CA VAL D 108 -9.32 -14.73 -8.16
C VAL D 108 -8.49 -14.54 -9.40
N VAL D 109 -7.18 -14.58 -9.25
CA VAL D 109 -6.26 -14.43 -10.38
C VAL D 109 -5.78 -15.80 -10.86
N LYS D 110 -6.14 -16.14 -12.09
CA LYS D 110 -5.73 -17.37 -12.75
C LYS D 110 -4.26 -17.32 -13.15
N GLY D 111 -3.41 -18.02 -12.40
CA GLY D 111 -1.99 -18.15 -12.72
C GLY D 111 -1.71 -19.46 -13.44
N ASP D 112 -0.46 -19.91 -13.41
CA ASP D 112 -0.09 -21.19 -14.03
C ASP D 112 -0.67 -22.36 -13.25
N PRO D 113 -1.18 -23.37 -13.96
CA PRO D 113 -1.72 -24.56 -13.30
C PRO D 113 -0.58 -25.31 -12.64
N VAL D 114 -0.77 -25.69 -11.38
CA VAL D 114 0.23 -26.41 -10.62
C VAL D 114 -0.49 -27.51 -9.86
N ALA D 115 0.05 -28.71 -9.90
CA ALA D 115 -0.59 -29.85 -9.27
C ALA D 115 -0.28 -29.88 -7.76
N PRO D 116 -1.26 -30.28 -6.96
CA PRO D 116 -1.08 -30.25 -5.51
C PRO D 116 -0.08 -31.32 -5.05
N THR D 117 0.68 -30.97 -4.02
CA THR D 117 1.46 -31.94 -3.28
C THR D 117 0.56 -32.36 -2.13
N VAL D 118 0.17 -33.62 -2.12
CA VAL D 118 -0.79 -34.10 -1.13
C VAL D 118 -0.11 -34.97 -0.07
N LEU D 119 -0.44 -34.68 1.18
CA LEU D 119 0.14 -35.36 2.31
C LEU D 119 -0.94 -35.66 3.33
N ILE D 120 -0.84 -36.81 3.97
CA ILE D 120 -1.73 -37.16 5.06
C ILE D 120 -0.90 -37.34 6.33
N PHE D 121 -1.36 -36.74 7.42
CA PHE D 121 -0.69 -36.90 8.72
C PHE D 121 -1.56 -37.64 9.72
N PRO D 122 -1.16 -38.85 10.10
CA PRO D 122 -1.97 -39.63 11.04
C PRO D 122 -1.93 -38.98 12.42
N PRO D 123 -2.94 -39.26 13.27
CA PRO D 123 -2.96 -38.66 14.62
C PRO D 123 -1.74 -39.04 15.45
N ALA D 124 -1.16 -38.08 16.15
CA ALA D 124 -0.11 -38.40 17.10
C ALA D 124 -0.63 -39.37 18.17
N ALA D 125 0.28 -39.98 18.92
CA ALA D 125 -0.13 -40.96 19.93
C ALA D 125 -0.92 -40.34 21.11
N ASP D 126 -0.60 -39.10 21.49
CA ASP D 126 -1.38 -38.42 22.55
C ASP D 126 -2.87 -38.21 22.23
N GLN D 127 -3.22 -38.12 20.97
CA GLN D 127 -4.57 -37.75 20.59
C GLN D 127 -5.66 -38.70 21.05
N VAL D 128 -5.56 -39.98 20.71
CA VAL D 128 -6.69 -40.88 20.96
C VAL D 128 -7.14 -40.79 22.42
N ALA D 129 -6.18 -40.72 23.34
CA ALA D 129 -6.47 -40.78 24.78
C ALA D 129 -7.35 -39.62 25.26
N THR D 130 -7.53 -38.60 24.40
CA THR D 130 -8.28 -37.41 24.77
C THR D 130 -9.74 -37.47 24.37
N GLY D 131 -10.15 -38.60 23.79
CA GLY D 131 -11.52 -38.76 23.35
C GLY D 131 -11.74 -38.40 21.90
N THR D 132 -10.88 -37.56 21.32
CA THR D 132 -11.03 -37.22 19.90
C THR D 132 -9.73 -37.27 19.11
N VAL D 133 -9.81 -37.86 17.91
CA VAL D 133 -8.68 -37.97 16.99
C VAL D 133 -8.90 -37.07 15.76
N THR D 134 -7.87 -36.28 15.43
CA THR D 134 -7.94 -35.38 14.29
C THR D 134 -6.90 -35.72 13.25
N ILE D 135 -7.36 -36.18 12.08
CA ILE D 135 -6.44 -36.47 11.00
C ILE D 135 -6.33 -35.27 10.09
N VAL D 136 -5.11 -34.93 9.70
CA VAL D 136 -4.94 -33.79 8.83
C VAL D 136 -4.43 -34.22 7.48
N CYS D 137 -5.09 -33.73 6.44
CA CYS D 137 -4.60 -33.90 5.09
C CYS D 137 -4.29 -32.53 4.50
N VAL D 138 -3.18 -32.42 3.80
CA VAL D 138 -2.78 -31.15 3.21
C VAL D 138 -2.59 -31.28 1.71
N ALA D 139 -3.04 -30.29 0.95
CA ALA D 139 -2.73 -30.21 -0.47
C ALA D 139 -1.95 -28.92 -0.70
N ASN D 140 -0.64 -29.03 -0.88
CA ASN D 140 0.23 -27.87 -0.97
C ASN D 140 0.49 -27.33 -2.39
N LYS D 141 0.46 -26.01 -2.51
CA LYS D 141 0.95 -25.30 -3.70
C LYS D 141 0.30 -25.76 -4.98
N TYR D 142 -0.93 -25.32 -5.21
CA TYR D 142 -1.68 -25.79 -6.36
C TYR D 142 -2.60 -24.73 -6.96
N PHE D 143 -2.89 -24.91 -8.24
CA PHE D 143 -3.90 -24.12 -8.97
C PHE D 143 -4.32 -24.88 -10.24
N PRO D 144 -5.63 -24.92 -10.55
CA PRO D 144 -6.69 -24.21 -9.84
C PRO D 144 -7.24 -25.03 -8.65
N ASP D 145 -8.47 -24.73 -8.23
CA ASP D 145 -9.04 -25.31 -7.02
C ASP D 145 -9.11 -26.82 -7.08
N VAL D 146 -9.05 -27.45 -5.90
CA VAL D 146 -9.21 -28.87 -5.79
C VAL D 146 -10.43 -29.16 -4.91
N THR D 147 -10.94 -30.37 -4.98
CA THR D 147 -12.01 -30.79 -4.12
C THR D 147 -11.50 -31.97 -3.33
N VAL D 148 -11.94 -32.09 -2.08
CA VAL D 148 -11.41 -33.11 -1.20
C VAL D 148 -12.48 -34.13 -0.80
N THR D 149 -12.05 -35.37 -0.61
CA THR D 149 -12.94 -36.45 -0.25
C THR D 149 -12.19 -37.36 0.70
N TRP D 150 -12.84 -37.75 1.79
CA TRP D 150 -12.24 -38.61 2.78
C TRP D 150 -12.96 -39.94 2.72
N GLU D 151 -12.27 -41.01 3.09
CA GLU D 151 -12.87 -42.32 3.14
C GLU D 151 -12.36 -43.11 4.33
N VAL D 152 -13.26 -43.87 4.93
CA VAL D 152 -12.90 -44.69 6.07
C VAL D 152 -13.29 -46.10 5.71
N ASP D 153 -12.30 -46.96 5.52
CA ASP D 153 -12.56 -48.31 5.05
C ASP D 153 -13.47 -48.26 3.83
N GLY D 154 -13.10 -47.47 2.85
CA GLY D 154 -13.83 -47.43 1.59
C GLY D 154 -15.16 -46.69 1.62
N THR D 155 -15.56 -46.20 2.79
CA THR D 155 -16.80 -45.45 2.89
C THR D 155 -16.55 -43.95 2.93
N THR D 156 -17.21 -43.24 2.03
CA THR D 156 -17.07 -41.81 1.93
C THR D 156 -17.51 -41.18 3.26
N GLN D 157 -16.82 -40.12 3.71
CA GLN D 157 -17.18 -39.46 4.97
C GLN D 157 -17.87 -38.13 4.73
N THR D 158 -18.90 -37.84 5.52
CA THR D 158 -19.62 -36.58 5.34
C THR D 158 -19.38 -35.59 6.47
N THR D 159 -19.44 -36.07 7.69
CA THR D 159 -19.25 -35.19 8.83
C THR D 159 -17.80 -35.26 9.29
N GLY D 160 -17.41 -34.30 10.12
CA GLY D 160 -16.09 -34.31 10.70
C GLY D 160 -15.10 -33.49 9.91
N ILE D 161 -15.48 -33.11 8.69
CA ILE D 161 -14.56 -32.49 7.75
C ILE D 161 -14.61 -30.94 7.76
N GLU D 162 -13.45 -30.31 7.95
CA GLU D 162 -13.30 -28.87 7.87
C GLU D 162 -12.16 -28.57 6.91
N ASN D 163 -12.44 -27.77 5.89
CA ASN D 163 -11.39 -27.38 4.96
C ASN D 163 -11.01 -25.93 5.18
N SER D 164 -9.72 -25.66 5.07
CA SER D 164 -9.24 -24.31 5.22
C SER D 164 -8.19 -24.08 4.13
N LYS D 165 -8.42 -23.07 3.31
CA LYS D 165 -7.55 -22.78 2.20
C LYS D 165 -6.87 -21.44 2.43
N THR D 166 -5.58 -21.33 2.12
CA THR D 166 -4.85 -20.07 2.24
C THR D 166 -5.23 -19.12 1.11
N PRO D 167 -4.91 -17.83 1.27
CA PRO D 167 -5.07 -16.90 0.15
C PRO D 167 -4.15 -17.33 -0.99
N GLN D 168 -4.34 -16.78 -2.19
CA GLN D 168 -3.44 -17.09 -3.31
C GLN D 168 -2.07 -16.49 -3.08
N ASN D 169 -1.03 -17.29 -3.22
CA ASN D 169 0.34 -16.82 -3.06
C ASN D 169 0.44 -15.57 -3.89
N SER D 170 1.10 -14.53 -3.40
CA SER D 170 1.08 -13.26 -4.12
C SER D 170 2.00 -13.28 -5.35
N ALA D 171 2.88 -14.27 -5.43
CA ALA D 171 3.80 -14.38 -6.55
C ALA D 171 3.37 -15.39 -7.61
N ASP D 172 2.92 -16.56 -7.17
CA ASP D 172 2.56 -17.60 -8.15
C ASP D 172 1.06 -17.97 -8.20
N CYS D 173 0.22 -17.22 -7.49
CA CYS D 173 -1.23 -17.47 -7.53
C CYS D 173 -1.69 -18.81 -6.93
N THR D 174 -0.78 -19.57 -6.32
CA THR D 174 -1.19 -20.87 -5.78
C THR D 174 -1.87 -20.84 -4.42
N TYR D 175 -2.57 -21.94 -4.14
CA TYR D 175 -3.33 -22.13 -2.92
C TYR D 175 -2.65 -23.21 -2.08
N ASN D 176 -2.82 -23.16 -0.77
CA ASN D 176 -2.54 -24.28 0.10
C ASN D 176 -3.85 -24.67 0.77
N LEU D 177 -4.12 -25.96 0.94
CA LEU D 177 -5.34 -26.35 1.63
C LEU D 177 -5.08 -27.38 2.74
N SER D 178 -5.73 -27.22 3.88
CA SER D 178 -5.74 -28.27 4.89
C SER D 178 -7.15 -28.85 4.96
N SER D 179 -7.26 -30.17 4.99
CA SER D 179 -8.56 -30.77 5.19
C SER D 179 -8.44 -31.66 6.40
N THR D 180 -9.26 -31.41 7.41
CA THR D 180 -9.13 -32.18 8.63
C THR D 180 -10.38 -32.97 8.95
N LEU D 181 -10.17 -34.24 9.29
CA LEU D 181 -11.24 -35.15 9.65
C LEU D 181 -11.12 -35.41 11.14
N THR D 182 -12.22 -35.18 11.88
CA THR D 182 -12.23 -35.37 13.32
C THR D 182 -13.22 -36.46 13.71
N LEU D 183 -12.73 -37.42 14.46
CA LEU D 183 -13.54 -38.54 14.92
C LEU D 183 -13.42 -38.71 16.43
N THR D 184 -14.42 -39.35 17.03
CA THR D 184 -14.34 -39.79 18.41
C THR D 184 -13.35 -40.95 18.44
N SER D 185 -12.79 -41.25 19.62
CA SER D 185 -11.83 -42.35 19.74
C SER D 185 -12.44 -43.71 19.40
N THR D 186 -13.69 -43.94 19.81
CA THR D 186 -14.33 -45.22 19.46
C THR D 186 -14.52 -45.38 17.95
N GLN D 187 -14.92 -44.30 17.27
CA GLN D 187 -14.97 -44.34 15.81
C GLN D 187 -13.57 -44.65 15.28
N TYR D 188 -12.61 -43.76 15.55
CA TYR D 188 -11.27 -43.96 15.04
C TYR D 188 -10.73 -45.38 15.26
N ASN D 189 -11.07 -46.00 16.39
CA ASN D 189 -10.55 -47.33 16.67
C ASN D 189 -11.37 -48.50 16.07
N SER D 190 -12.59 -48.21 15.63
CA SER D 190 -13.43 -49.24 15.01
C SER D 190 -13.19 -49.41 13.50
N HIS D 191 -12.30 -48.59 12.93
CA HIS D 191 -11.98 -48.66 11.50
C HIS D 191 -10.46 -48.70 11.33
N LYS D 192 -9.99 -49.10 10.14
CA LYS D 192 -8.53 -49.22 9.92
C LYS D 192 -7.93 -48.31 8.83
N GLU D 193 -8.60 -48.18 7.69
CA GLU D 193 -8.00 -47.41 6.60
C GLU D 193 -8.58 -46.02 6.42
N TYR D 194 -7.71 -45.02 6.57
CA TYR D 194 -8.12 -43.61 6.45
C TYR D 194 -7.56 -42.98 5.20
N THR D 195 -8.45 -42.44 4.36
CA THR D 195 -8.07 -42.01 3.04
C THR D 195 -8.41 -40.56 2.73
N CYS D 196 -7.39 -39.80 2.34
CA CYS D 196 -7.57 -38.45 1.86
C CYS D 196 -7.38 -38.43 0.34
N LYS D 197 -8.36 -37.88 -0.36
CA LYS D 197 -8.38 -37.85 -1.83
C LYS D 197 -8.49 -36.43 -2.33
N VAL D 198 -7.43 -35.92 -2.97
CA VAL D 198 -7.44 -34.57 -3.50
C VAL D 198 -7.57 -34.62 -5.03
N THR D 199 -8.63 -34.01 -5.55
CA THR D 199 -8.92 -34.08 -6.97
C THR D 199 -8.79 -32.71 -7.64
N GLN D 200 -7.95 -32.61 -8.65
CA GLN D 200 -7.84 -31.37 -9.38
C GLN D 200 -8.20 -31.63 -10.85
N GLY D 201 -9.44 -31.32 -11.22
CA GLY D 201 -9.92 -31.64 -12.55
C GLY D 201 -9.92 -33.14 -12.74
N THR D 202 -9.10 -33.62 -13.67
CA THR D 202 -9.11 -35.02 -14.05
C THR D 202 -8.13 -35.89 -13.26
N THR D 203 -7.32 -35.25 -12.42
CA THR D 203 -6.30 -35.96 -11.66
C THR D 203 -6.61 -35.99 -10.17
N SER D 204 -6.49 -37.18 -9.58
CA SER D 204 -6.61 -37.28 -8.13
C SER D 204 -5.37 -37.88 -7.51
N VAL D 205 -4.99 -37.36 -6.37
CA VAL D 205 -3.92 -37.95 -5.59
C VAL D 205 -4.53 -38.45 -4.29
N VAL D 206 -4.22 -39.69 -3.95
CA VAL D 206 -4.86 -40.32 -2.81
C VAL D 206 -3.78 -40.69 -1.80
N GLN D 207 -3.96 -40.24 -0.57
CA GLN D 207 -3.02 -40.61 0.49
C GLN D 207 -3.75 -41.35 1.60
N SER D 208 -3.15 -42.45 2.05
CA SER D 208 -3.76 -43.28 3.05
C SER D 208 -2.76 -43.68 4.12
N PHE D 209 -3.30 -44.16 5.24
CA PHE D 209 -2.53 -44.81 6.27
C PHE D 209 -3.49 -45.77 6.96
N ASN D 210 -2.92 -46.73 7.69
CA ASN D 210 -3.72 -47.68 8.42
C ASN D 210 -3.46 -47.50 9.92
N ARG D 211 -4.54 -47.34 10.68
CA ARG D 211 -4.47 -47.05 12.11
C ARG D 211 -3.43 -47.91 12.84
N GLY D 212 -3.42 -49.21 12.53
CA GLY D 212 -2.47 -50.13 13.13
C GLY D 212 -1.01 -49.80 12.87
N ASP D 213 -0.69 -49.48 11.61
CA ASP D 213 0.69 -49.23 11.19
C ASP D 213 1.30 -47.94 11.74
N CYS D 214 0.60 -47.27 12.65
CA CYS D 214 1.09 -46.03 13.24
C CYS D 214 0.95 -46.03 14.75
N GLN E 1 0.04 9.55 11.86
CA GLN E 1 -1.29 9.12 12.27
C GLN E 1 -1.54 7.61 12.09
N SER E 2 -2.22 7.05 13.07
CA SER E 2 -2.61 5.67 13.04
C SER E 2 -3.69 5.54 14.10
N LEU E 3 -4.43 4.44 14.01
CA LEU E 3 -5.50 4.18 14.93
C LEU E 3 -5.18 2.87 15.63
N GLU E 4 -5.59 2.77 16.88
CA GLU E 4 -5.45 1.51 17.55
C GLU E 4 -6.67 1.16 18.37
N GLU E 5 -7.39 0.12 17.95
CA GLU E 5 -8.55 -0.36 18.69
C GLU E 5 -8.09 -1.20 19.87
N SER E 6 -8.85 -1.15 20.97
CA SER E 6 -8.62 -2.09 22.04
C SER E 6 -9.91 -2.40 22.80
N GLY E 7 -9.88 -3.48 23.56
CA GLY E 7 -11.00 -3.82 24.42
C GLY E 7 -11.71 -5.09 23.99
N GLY E 8 -11.27 -5.68 22.89
CA GLY E 8 -11.84 -6.93 22.45
C GLY E 8 -11.63 -8.01 23.48
N ASP E 9 -12.60 -8.89 23.62
CA ASP E 9 -12.49 -9.91 24.62
C ASP E 9 -13.42 -11.04 24.24
N LEU E 10 -13.28 -12.16 24.94
CA LEU E 10 -14.28 -13.19 24.93
C LEU E 10 -15.28 -12.83 26.04
N VAL E 11 -16.54 -12.67 25.67
CA VAL E 11 -17.60 -12.37 26.64
C VAL E 11 -18.77 -13.31 26.38
N LYS E 12 -19.66 -13.49 27.35
CA LYS E 12 -20.80 -14.37 27.13
C LYS E 12 -21.98 -13.70 26.40
N PRO E 13 -22.84 -14.50 25.78
CA PRO E 13 -24.05 -13.94 25.17
C PRO E 13 -24.80 -13.09 26.18
N GLY E 14 -25.04 -11.83 25.85
CA GLY E 14 -25.84 -10.98 26.72
C GLY E 14 -25.00 -9.97 27.44
N ALA E 15 -23.69 -10.13 27.35
CA ALA E 15 -22.77 -9.24 28.04
C ALA E 15 -22.71 -7.91 27.33
N SER E 16 -22.14 -6.93 28.03
CA SER E 16 -21.78 -5.66 27.44
C SER E 16 -20.27 -5.63 27.27
N LEU E 17 -19.78 -4.74 26.41
CA LEU E 17 -18.34 -4.66 26.17
C LEU E 17 -18.06 -3.30 25.59
N THR E 18 -16.96 -2.69 26.00
CA THR E 18 -16.64 -1.36 25.50
C THR E 18 -15.31 -1.35 24.77
N LEU E 19 -15.35 -0.97 23.50
CA LEU E 19 -14.14 -0.89 22.71
C LEU E 19 -13.69 0.55 22.74
N THR E 20 -12.39 0.75 22.62
CA THR E 20 -11.82 2.07 22.61
C THR E 20 -10.94 2.17 21.39
N CYS E 21 -11.02 3.29 20.69
CA CYS E 21 -10.13 3.57 19.59
C CYS E 21 -9.28 4.72 20.05
N THR E 22 -7.96 4.59 19.96
CA THR E 22 -7.15 5.75 20.31
C THR E 22 -6.27 6.20 19.15
N ALA E 23 -6.30 7.50 18.91
CA ALA E 23 -5.59 8.11 17.80
C ALA E 23 -4.12 8.37 18.17
N SER E 24 -3.23 8.29 17.18
CA SER E 24 -1.88 8.81 17.36
C SER E 24 -1.52 9.69 16.16
N GLY E 25 -0.84 10.81 16.41
CA GLY E 25 -0.42 11.71 15.36
C GLY E 25 -1.46 12.73 14.90
N PHE E 26 -2.66 12.65 15.45
CA PHE E 26 -3.68 13.67 15.20
C PHE E 26 -4.68 13.64 16.33
N SER E 27 -5.53 14.65 16.41
CA SER E 27 -6.59 14.64 17.42
C SER E 27 -7.92 14.96 16.76
N PHE E 28 -9.01 14.53 17.38
CA PHE E 28 -10.35 14.68 16.80
C PHE E 28 -10.81 16.14 16.70
N THR E 29 -11.29 16.50 15.51
CA THR E 29 -11.69 17.88 15.24
C THR E 29 -12.85 17.87 14.27
N ASN E 30 -13.35 19.05 13.93
CA ASN E 30 -14.44 19.18 12.98
C ASN E 30 -14.05 18.86 11.54
N ASN E 31 -12.87 18.25 11.36
CA ASN E 31 -12.42 17.88 10.02
C ASN E 31 -12.69 16.42 9.66
N TYR E 32 -13.13 15.64 10.65
CA TYR E 32 -13.31 14.22 10.50
C TYR E 32 -14.53 13.74 11.26
N TYR E 33 -15.05 12.60 10.83
CA TYR E 33 -15.84 11.76 11.71
C TYR E 33 -14.95 10.59 12.12
N MET E 34 -15.16 10.10 13.33
CA MET E 34 -14.53 8.85 13.74
C MET E 34 -15.59 7.77 13.72
N CYS E 35 -15.20 6.57 13.30
CA CYS E 35 -16.19 5.57 12.97
C CYS E 35 -15.74 4.17 13.36
N TRP E 36 -16.71 3.30 13.65
CA TRP E 36 -16.43 1.91 13.87
C TRP E 36 -17.01 1.12 12.71
N VAL E 37 -16.25 0.17 12.20
CA VAL E 37 -16.71 -0.75 11.18
C VAL E 37 -16.33 -2.14 11.66
N ARG E 38 -17.20 -3.12 11.47
CA ARG E 38 -16.88 -4.45 11.92
C ARG E 38 -16.90 -5.45 10.77
N GLN E 39 -16.35 -6.63 11.03
CA GLN E 39 -16.31 -7.69 10.05
C GLN E 39 -16.31 -9.07 10.71
N ALA E 40 -17.43 -9.79 10.57
CA ALA E 40 -17.53 -11.15 11.08
C ALA E 40 -16.59 -12.07 10.31
N PRO E 41 -16.01 -13.06 10.99
CA PRO E 41 -15.08 -13.95 10.30
C PRO E 41 -15.67 -14.50 9.00
N GLY E 42 -14.97 -14.25 7.88
CA GLY E 42 -15.37 -14.78 6.59
C GLY E 42 -16.45 -13.97 5.91
N LYS E 43 -16.88 -12.89 6.55
CA LYS E 43 -17.94 -12.04 6.01
C LYS E 43 -17.45 -10.63 5.66
N GLY E 44 -18.37 -9.77 5.21
CA GLY E 44 -18.02 -8.47 4.66
C GLY E 44 -17.93 -7.32 5.66
N LEU E 45 -17.51 -6.16 5.18
CA LEU E 45 -17.40 -4.99 6.04
C LEU E 45 -18.78 -4.46 6.36
N GLU E 46 -18.93 -3.99 7.58
CA GLU E 46 -20.24 -3.53 8.04
C GLU E 46 -20.07 -2.27 8.85
N TRP E 47 -20.59 -1.16 8.34
CA TRP E 47 -20.51 0.10 9.06
C TRP E 47 -21.38 0.01 10.30
N ILE E 48 -20.84 0.51 11.40
CA ILE E 48 -21.57 0.52 12.67
C ILE E 48 -22.07 1.91 13.04
N ALA E 49 -21.14 2.87 13.14
CA ALA E 49 -21.49 4.20 13.59
C ALA E 49 -20.40 5.23 13.32
N CYS E 50 -20.80 6.49 13.18
CA CYS E 50 -19.84 7.58 13.09
C CYS E 50 -20.13 8.64 14.11
N ILE E 51 -19.11 9.38 14.52
CA ILE E 51 -19.31 10.52 15.40
C ILE E 51 -18.43 11.66 14.95
N TYR E 52 -19.04 12.83 14.85
CA TYR E 52 -18.41 14.06 14.40
C TYR E 52 -17.31 14.55 15.34
N GLY E 53 -16.09 14.70 14.80
CA GLY E 53 -14.94 15.07 15.60
C GLY E 53 -15.00 16.48 16.17
N GLY E 54 -15.97 17.25 15.70
CA GLY E 54 -16.06 18.66 16.02
C GLY E 54 -16.80 19.00 17.30
N GLY E 55 -17.06 20.29 17.49
CA GLY E 55 -17.70 20.75 18.71
C GLY E 55 -19.12 20.23 18.80
N ARG E 56 -19.90 20.42 17.74
CA ARG E 56 -21.30 20.02 17.76
C ARG E 56 -21.45 18.53 18.09
N ASP E 57 -22.55 18.19 18.76
CA ASP E 57 -22.86 16.80 18.98
C ASP E 57 -23.60 16.23 17.77
N ILE E 58 -22.91 15.42 16.97
CA ILE E 58 -23.53 14.78 15.82
C ILE E 58 -23.10 13.31 15.73
N VAL E 59 -24.06 12.39 15.84
CA VAL E 59 -23.77 10.98 15.70
C VAL E 59 -24.75 10.29 14.76
N PHE E 60 -24.21 9.44 13.88
CA PHE E 60 -25.01 8.57 13.03
C PHE E 60 -24.74 7.09 13.32
N TYR E 61 -25.82 6.30 13.30
CA TYR E 61 -25.72 4.86 13.53
C TYR E 61 -26.29 4.12 12.35
N ALA E 62 -25.77 2.93 12.11
CA ALA E 62 -26.38 2.03 11.17
C ALA E 62 -27.68 1.68 11.83
N THR E 63 -28.71 1.46 11.03
CA THR E 63 -30.04 1.27 11.58
C THR E 63 -30.10 0.04 12.49
N TRP E 64 -29.18 -0.91 12.32
CA TRP E 64 -29.22 -2.14 13.13
C TRP E 64 -28.49 -1.92 14.45
N ALA E 65 -27.75 -0.82 14.52
CA ALA E 65 -26.87 -0.57 15.66
C ALA E 65 -27.51 0.38 16.67
N LYS E 66 -28.23 1.39 16.18
CA LYS E 66 -28.86 2.37 17.03
C LYS E 66 -29.81 1.71 18.03
N GLY E 67 -29.64 2.04 19.30
CA GLY E 67 -30.44 1.49 20.35
C GLY E 67 -29.71 0.40 21.12
N ARG E 68 -28.62 -0.11 20.57
CA ARG E 68 -27.94 -1.24 21.15
C ARG E 68 -26.44 -0.97 21.31
N PHE E 69 -25.86 -0.22 20.38
CA PHE E 69 -24.48 0.24 20.49
C PHE E 69 -24.49 1.73 20.72
N THR E 70 -23.44 2.24 21.34
CA THR E 70 -23.28 3.67 21.50
C THR E 70 -21.84 4.06 21.19
N ILE E 71 -21.67 5.14 20.46
CA ILE E 71 -20.34 5.64 20.13
C ILE E 71 -20.17 6.97 20.82
N SER E 72 -18.96 7.33 21.24
CA SER E 72 -18.74 8.67 21.80
C SER E 72 -17.29 9.00 21.99
N LYS E 73 -17.01 10.31 22.00
CA LYS E 73 -15.67 10.83 22.21
C LYS E 73 -15.43 10.94 23.70
N THR E 74 -14.43 10.23 24.21
CA THR E 74 -14.06 10.37 25.62
C THR E 74 -12.89 11.33 25.79
N SER E 75 -12.38 11.84 24.68
CA SER E 75 -11.27 12.80 24.70
C SER E 75 -10.93 13.15 23.26
N SER E 76 -9.99 14.06 23.10
CA SER E 76 -9.64 14.54 21.78
C SER E 76 -8.90 13.46 21.01
N THR E 77 -8.51 12.39 21.68
CA THR E 77 -7.88 11.28 20.95
C THR E 77 -8.52 9.89 21.13
N THR E 78 -9.69 9.82 21.74
CA THR E 78 -10.25 8.50 22.00
C THR E 78 -11.76 8.44 21.80
N VAL E 79 -12.21 7.42 21.07
CA VAL E 79 -13.63 7.21 20.81
C VAL E 79 -13.94 5.84 21.33
N THR E 80 -15.10 5.66 21.97
CA THR E 80 -15.50 4.33 22.42
C THR E 80 -16.73 3.84 21.71
N LEU E 81 -16.87 2.52 21.64
CA LEU E 81 -18.10 1.89 21.19
C LEU E 81 -18.62 0.97 22.30
N GLN E 82 -19.76 1.32 22.88
CA GLN E 82 -20.28 0.51 23.97
C GLN E 82 -21.32 -0.40 23.41
N MET E 83 -21.08 -1.69 23.50
CA MET E 83 -22.00 -2.64 22.93
C MET E 83 -22.76 -3.33 24.05
N THR E 84 -24.03 -3.60 23.81
CA THR E 84 -24.86 -4.24 24.83
C THR E 84 -25.63 -5.38 24.21
N SER E 85 -26.17 -6.24 25.05
CA SER E 85 -26.88 -7.41 24.58
C SER E 85 -26.16 -8.11 23.43
N LEU E 86 -24.88 -8.42 23.63
CA LEU E 86 -24.10 -9.06 22.57
C LEU E 86 -24.56 -10.50 22.33
N THR E 87 -24.56 -10.88 21.06
CA THR E 87 -24.93 -12.23 20.69
C THR E 87 -23.76 -12.69 19.86
N ALA E 88 -23.73 -13.97 19.51
CA ALA E 88 -22.63 -14.50 18.68
C ALA E 88 -22.52 -13.83 17.30
N ALA E 89 -23.59 -13.14 16.86
CA ALA E 89 -23.59 -12.48 15.55
C ALA E 89 -22.75 -11.23 15.60
N ASP E 90 -22.34 -10.85 16.81
CA ASP E 90 -21.47 -9.70 16.99
C ASP E 90 -19.99 -10.11 17.06
N THR E 91 -19.74 -11.42 16.97
CA THR E 91 -18.36 -11.88 16.89
C THR E 91 -17.75 -11.31 15.61
N ALA E 92 -16.80 -10.41 15.76
CA ALA E 92 -16.20 -9.79 14.59
C ALA E 92 -14.87 -9.20 14.97
N THR E 93 -14.15 -8.73 13.97
CA THR E 93 -13.06 -7.82 14.23
C THR E 93 -13.66 -6.44 14.09
N TYR E 94 -13.39 -5.58 15.06
CA TYR E 94 -13.90 -4.22 15.03
C TYR E 94 -12.80 -3.25 14.66
N PHE E 95 -13.03 -2.52 13.58
CA PHE E 95 -12.07 -1.54 13.10
C PHE E 95 -12.49 -0.14 13.52
N CYS E 96 -11.51 0.70 13.78
CA CYS E 96 -11.78 2.08 14.01
C CYS E 96 -11.29 2.70 12.74
N ALA E 97 -12.11 3.57 12.14
CA ALA E 97 -11.74 4.23 10.90
C ALA E 97 -12.03 5.72 10.95
N ARG E 98 -11.14 6.51 10.36
CA ARG E 98 -11.36 7.93 10.28
C ARG E 98 -12.00 8.28 8.96
N GLU E 99 -12.96 9.21 8.98
CA GLU E 99 -13.74 9.48 7.80
C GLU E 99 -13.65 10.93 7.33
N ASN E 100 -13.29 11.10 6.05
CA ASN E 100 -13.27 12.43 5.46
C ASN E 100 -14.65 12.73 4.92
N PHE E 101 -14.96 14.01 4.78
CA PHE E 101 -16.25 14.45 4.25
C PHE E 101 -16.13 15.84 3.62
N ASP E 102 -17.05 16.14 2.70
CA ASP E 102 -17.18 17.48 2.15
C ASP E 102 -18.32 18.15 2.89
N ALA E 103 -18.08 19.38 3.31
CA ALA E 103 -19.16 20.26 3.74
C ALA E 103 -19.79 20.85 2.47
N VAL E 104 -21.07 20.60 2.25
CA VAL E 104 -21.78 21.27 1.16
C VAL E 104 -22.92 22.09 1.75
N GLY E 105 -23.12 23.29 1.22
CA GLY E 105 -24.16 24.16 1.74
C GLY E 105 -25.45 23.98 0.98
N VAL E 106 -26.57 24.11 1.68
CA VAL E 106 -27.87 24.21 1.01
C VAL E 106 -28.81 25.15 1.78
N GLY E 107 -29.26 26.21 1.10
CA GLY E 107 -30.28 27.10 1.63
C GLY E 107 -29.86 28.06 2.74
N GLY E 108 -28.75 27.76 3.39
CA GLY E 108 -28.32 28.57 4.52
C GLY E 108 -27.48 27.77 5.50
N GLY E 109 -27.65 26.44 5.50
CA GLY E 109 -26.86 25.57 6.35
C GLY E 109 -25.79 24.78 5.61
N THR E 110 -24.82 24.24 6.34
CA THR E 110 -23.86 23.32 5.72
C THR E 110 -23.99 21.87 6.22
N TYR E 111 -23.83 20.93 5.30
CA TYR E 111 -24.05 19.52 5.61
C TYR E 111 -22.88 18.67 5.13
N SER E 112 -22.69 17.52 5.79
CA SER E 112 -21.60 16.63 5.41
C SER E 112 -22.06 15.63 4.38
N THR E 113 -21.28 15.48 3.32
CA THR E 113 -21.44 14.36 2.39
C THR E 113 -20.07 13.93 1.86
N ASP E 114 -20.05 13.09 0.84
CA ASP E 114 -18.82 12.58 0.25
C ASP E 114 -17.92 11.95 1.30
N TYR E 115 -18.49 10.99 2.02
CA TYR E 115 -17.79 10.25 3.04
C TYR E 115 -16.90 9.18 2.45
N TYR E 116 -15.67 9.13 2.92
CA TYR E 116 -14.84 7.96 2.70
C TYR E 116 -13.87 7.80 3.87
N PHE E 117 -13.38 6.58 4.08
CA PHE E 117 -12.44 6.31 5.16
C PHE E 117 -11.02 6.41 4.62
N ASP E 118 -10.15 7.11 5.35
CA ASP E 118 -8.79 7.28 4.88
C ASP E 118 -7.75 6.74 5.87
N LEU E 119 -8.19 6.07 6.91
CA LEU E 119 -7.30 5.67 8.00
C LEU E 119 -7.98 4.63 8.83
N TRP E 120 -7.31 3.49 9.02
CA TRP E 120 -7.91 2.37 9.71
C TRP E 120 -6.92 1.81 10.70
N GLY E 121 -7.43 1.37 11.85
CA GLY E 121 -6.63 0.60 12.78
C GLY E 121 -6.60 -0.83 12.33
N PRO E 122 -5.83 -1.68 13.03
CA PRO E 122 -5.71 -3.10 12.68
C PRO E 122 -6.89 -3.89 13.20
N GLY E 123 -7.73 -3.26 14.01
CA GLY E 123 -8.90 -3.92 14.56
C GLY E 123 -8.65 -4.62 15.88
N THR E 124 -9.69 -4.73 16.69
CA THR E 124 -9.62 -5.54 17.89
C THR E 124 -10.70 -6.62 17.82
N LEU E 125 -10.35 -7.83 18.25
CA LEU E 125 -11.23 -9.00 18.12
C LEU E 125 -12.29 -9.11 19.23
N VAL E 126 -13.55 -9.25 18.84
CA VAL E 126 -14.60 -9.52 19.81
C VAL E 126 -15.14 -10.92 19.62
N ILE E 127 -15.21 -11.69 20.70
CA ILE E 127 -15.69 -13.05 20.61
C ILE E 127 -16.81 -13.23 21.63
N VAL E 128 -17.98 -13.59 21.14
CA VAL E 128 -19.15 -13.76 21.99
C VAL E 128 -19.53 -15.21 21.92
N SER E 129 -19.42 -15.90 23.06
CA SER E 129 -19.63 -17.34 23.08
C SER E 129 -19.94 -17.83 24.48
N SER E 130 -20.71 -18.91 24.55
CA SER E 130 -21.04 -19.52 25.83
C SER E 130 -19.79 -20.08 26.47
N GLY E 131 -18.85 -20.50 25.62
CA GLY E 131 -17.65 -21.16 26.07
C GLY E 131 -16.72 -20.28 26.87
N GLN E 132 -15.95 -20.92 27.73
CA GLN E 132 -14.89 -20.26 28.48
C GLN E 132 -13.62 -20.32 27.67
N PRO E 133 -12.64 -19.45 27.99
CA PRO E 133 -11.34 -19.49 27.33
C PRO E 133 -10.76 -20.90 27.39
N LYS E 134 -10.03 -21.26 26.35
CA LYS E 134 -9.31 -22.52 26.36
C LYS E 134 -8.00 -22.41 25.61
N ALA E 135 -6.95 -22.87 26.28
CA ALA E 135 -5.62 -22.90 25.69
C ALA E 135 -5.64 -24.02 24.69
N PRO E 136 -4.85 -23.91 23.63
CA PRO E 136 -4.90 -24.98 22.62
C PRO E 136 -4.07 -26.20 23.03
N SER E 137 -4.47 -27.39 22.60
CA SER E 137 -3.57 -28.54 22.63
C SER E 137 -2.75 -28.52 21.34
N VAL E 138 -1.47 -28.86 21.43
CA VAL E 138 -0.62 -28.87 20.25
C VAL E 138 -0.09 -30.25 20.02
N PHE E 139 -0.35 -30.78 18.84
CA PHE E 139 0.08 -32.12 18.49
C PHE E 139 1.03 -32.05 17.34
N PRO E 140 1.93 -33.03 17.25
CA PRO E 140 2.86 -33.03 16.14
C PRO E 140 2.20 -33.65 14.91
N LEU E 141 2.63 -33.21 13.73
CA LEU E 141 2.17 -33.77 12.48
C LEU E 141 3.36 -34.41 11.76
N ALA E 142 3.32 -35.74 11.63
CA ALA E 142 4.38 -36.44 10.95
C ALA E 142 3.83 -37.54 10.04
N PRO E 143 4.55 -37.84 8.96
CA PRO E 143 4.12 -38.98 8.15
C PRO E 143 4.11 -40.24 8.99
N CYS E 144 3.20 -41.15 8.67
CA CYS E 144 3.02 -42.46 9.33
C CYS E 144 4.33 -43.17 9.69
N CYS E 145 4.45 -43.67 10.92
CA CYS E 145 5.69 -44.36 11.35
C CYS E 145 5.89 -45.69 10.62
N GLY E 146 4.79 -46.26 10.14
CA GLY E 146 4.80 -47.48 9.36
C GLY E 146 5.18 -47.23 7.90
N ASP E 147 4.85 -46.03 7.41
CA ASP E 147 5.47 -45.53 6.19
C ASP E 147 6.95 -45.53 6.52
N THR E 148 7.80 -45.40 5.52
CA THR E 148 9.22 -45.31 5.81
C THR E 148 9.81 -44.05 5.17
N PRO E 149 10.78 -43.42 5.85
CA PRO E 149 11.29 -42.09 5.51
C PRO E 149 11.65 -41.91 4.03
N SER E 150 12.10 -40.70 3.69
CA SER E 150 12.37 -40.34 2.31
C SER E 150 13.23 -39.07 2.25
N ALA E 151 13.58 -38.64 1.04
CA ALA E 151 14.44 -37.47 0.83
C ALA E 151 14.00 -36.26 1.66
N THR E 152 13.07 -35.50 1.11
CA THR E 152 12.45 -34.38 1.79
C THR E 152 11.31 -34.85 2.69
N VAL E 153 11.06 -34.12 3.78
CA VAL E 153 9.90 -34.42 4.63
C VAL E 153 9.14 -33.18 5.04
N THR E 154 7.81 -33.29 5.06
CA THR E 154 6.94 -32.22 5.55
C THR E 154 6.38 -32.55 6.94
N LEU E 155 6.61 -31.65 7.89
CA LEU E 155 6.17 -31.80 9.28
C LEU E 155 5.29 -30.63 9.72
N GLY E 156 4.56 -30.82 10.81
CA GLY E 156 3.66 -29.78 11.29
C GLY E 156 3.29 -29.81 12.76
N CYS E 157 2.43 -28.87 13.14
CA CYS E 157 1.78 -28.85 14.43
C CYS E 157 0.29 -28.61 14.21
N LEU E 158 -0.52 -29.40 14.87
CA LEU E 158 -1.94 -29.20 14.81
C LEU E 158 -2.26 -28.44 16.08
N VAL E 159 -2.67 -27.17 15.94
CA VAL E 159 -3.06 -26.36 17.09
C VAL E 159 -4.56 -26.45 17.30
N LYS E 160 -4.96 -27.28 18.26
CA LYS E 160 -6.35 -27.70 18.36
C LYS E 160 -7.11 -27.21 19.58
N GLY E 161 -8.34 -26.77 19.34
CA GLY E 161 -9.30 -26.47 20.40
C GLY E 161 -9.02 -25.32 21.35
N TYR E 162 -8.73 -24.15 20.80
CA TYR E 162 -8.53 -22.95 21.60
C TYR E 162 -9.65 -21.91 21.39
N LEU E 163 -9.68 -20.89 22.23
CA LEU E 163 -10.74 -19.90 22.23
C LEU E 163 -10.34 -18.88 23.25
N PRO E 164 -10.41 -17.61 22.91
CA PRO E 164 -10.85 -17.12 21.60
C PRO E 164 -9.67 -17.13 20.67
N GLU E 165 -9.83 -16.60 19.46
CA GLU E 165 -8.70 -16.34 18.57
C GLU E 165 -7.92 -15.15 19.07
N PRO E 166 -6.70 -14.97 18.56
CA PRO E 166 -6.07 -15.90 17.62
C PRO E 166 -4.95 -16.69 18.29
N VAL E 167 -4.26 -17.48 17.48
CA VAL E 167 -2.98 -18.07 17.88
C VAL E 167 -1.96 -17.67 16.81
N THR E 168 -0.68 -17.71 17.15
CA THR E 168 0.34 -17.42 16.16
C THR E 168 1.42 -18.50 16.19
N VAL E 169 1.62 -19.17 15.06
CA VAL E 169 2.66 -20.16 14.91
C VAL E 169 3.86 -19.59 14.17
N THR E 170 5.04 -19.81 14.72
CA THR E 170 6.28 -19.58 13.99
C THR E 170 7.02 -20.93 14.00
N TRP E 171 8.13 -21.00 13.29
CA TRP E 171 8.97 -22.19 13.33
C TRP E 171 10.40 -21.82 13.69
N ASN E 172 11.00 -22.59 14.59
CA ASN E 172 12.35 -22.32 15.06
C ASN E 172 12.49 -20.86 15.53
N SER E 173 11.51 -20.40 16.29
CA SER E 173 11.47 -19.03 16.76
C SER E 173 11.60 -18.02 15.60
N GLY E 174 10.90 -18.30 14.51
CA GLY E 174 10.84 -17.36 13.40
C GLY E 174 11.98 -17.44 12.40
N THR E 175 13.00 -18.24 12.70
CA THR E 175 14.18 -18.34 11.83
C THR E 175 13.99 -19.34 10.71
N LEU E 176 12.77 -19.84 10.55
CA LEU E 176 12.45 -20.74 9.47
C LEU E 176 11.09 -20.31 8.97
N THR E 177 11.06 -19.77 7.75
CA THR E 177 9.85 -19.23 7.15
C THR E 177 9.61 -19.84 5.77
N ASN E 178 10.69 -20.22 5.09
CA ASN E 178 10.58 -20.82 3.77
C ASN E 178 9.88 -22.15 3.86
N GLY E 179 8.91 -22.37 2.99
CA GLY E 179 8.21 -23.63 2.95
C GLY E 179 7.26 -23.75 4.12
N VAL E 180 7.01 -22.63 4.77
CA VAL E 180 6.05 -22.59 5.87
C VAL E 180 4.64 -22.27 5.35
N ARG E 181 3.70 -23.14 5.71
CA ARG E 181 2.30 -22.94 5.37
C ARG E 181 1.43 -23.06 6.64
N THR E 182 0.94 -21.92 7.12
CA THR E 182 0.02 -21.94 8.25
C THR E 182 -1.36 -21.64 7.71
N PHE E 183 -2.29 -22.57 7.89
CA PHE E 183 -3.63 -22.42 7.34
C PHE E 183 -4.54 -21.54 8.21
N PRO E 184 -5.53 -20.91 7.58
CA PRO E 184 -6.50 -20.16 8.39
C PRO E 184 -7.11 -21.06 9.47
N SER E 185 -7.49 -20.45 10.58
CA SER E 185 -8.20 -21.13 11.64
C SER E 185 -9.59 -21.52 11.19
N VAL E 186 -10.05 -22.70 11.62
CA VAL E 186 -11.43 -23.10 11.44
C VAL E 186 -12.11 -23.21 12.81
N ARG E 187 -13.36 -22.75 12.90
CA ARG E 187 -14.18 -23.03 14.08
C ARG E 187 -14.78 -24.41 13.90
N GLN E 188 -14.57 -25.28 14.87
CA GLN E 188 -15.17 -26.59 14.83
C GLN E 188 -16.55 -26.55 15.46
N SER E 189 -17.27 -27.66 15.36
CA SER E 189 -18.62 -27.75 15.88
C SER E 189 -18.67 -27.39 17.37
N SER E 190 -17.60 -27.73 18.08
CA SER E 190 -17.51 -27.47 19.53
C SER E 190 -17.60 -25.99 19.91
N GLY E 191 -17.32 -25.11 18.98
CA GLY E 191 -17.20 -23.70 19.32
C GLY E 191 -15.74 -23.35 19.46
N LEU E 192 -14.90 -24.38 19.52
CA LEU E 192 -13.47 -24.18 19.64
C LEU E 192 -12.84 -24.03 18.27
N TYR E 193 -11.75 -23.28 18.21
CA TYR E 193 -11.00 -23.09 16.97
C TYR E 193 -9.86 -24.05 16.85
N SER E 194 -9.32 -24.12 15.64
CA SER E 194 -8.28 -25.07 15.31
C SER E 194 -7.58 -24.62 14.05
N LEU E 195 -6.28 -24.86 13.98
CA LEU E 195 -5.53 -24.60 12.78
C LEU E 195 -4.29 -25.48 12.72
N SER E 196 -3.73 -25.61 11.53
CA SER E 196 -2.51 -26.38 11.36
C SER E 196 -1.41 -25.55 10.75
N SER E 197 -0.20 -26.05 10.82
CA SER E 197 0.92 -25.35 10.24
C SER E 197 1.93 -26.40 9.87
N VAL E 198 2.37 -26.40 8.63
CA VAL E 198 3.29 -27.43 8.16
C VAL E 198 4.49 -26.76 7.54
N VAL E 199 5.64 -27.42 7.63
CA VAL E 199 6.86 -26.90 7.03
C VAL E 199 7.60 -28.01 6.31
N SER E 200 8.16 -27.70 5.15
CA SER E 200 8.91 -28.70 4.41
C SER E 200 10.40 -28.54 4.67
N VAL E 201 11.03 -29.60 5.20
CA VAL E 201 12.44 -29.60 5.53
C VAL E 201 13.22 -30.40 4.50
N THR E 202 14.46 -29.98 4.27
CA THR E 202 15.32 -30.59 3.26
C THR E 202 15.48 -32.11 3.47
N SER E 203 16.21 -32.48 4.52
CA SER E 203 16.45 -33.89 4.81
C SER E 203 16.51 -34.09 6.31
N SER E 204 17.72 -33.93 6.86
CA SER E 204 17.92 -33.92 8.30
C SER E 204 18.35 -32.51 8.70
N SER E 205 18.51 -31.64 7.70
CA SER E 205 18.92 -30.26 7.91
C SER E 205 18.56 -29.75 9.30
N GLN E 206 17.28 -29.53 9.51
CA GLN E 206 16.82 -28.98 10.78
C GLN E 206 16.05 -29.97 11.65
N PRO E 207 16.37 -30.00 12.96
CA PRO E 207 15.39 -30.38 13.97
C PRO E 207 14.44 -29.19 14.12
N VAL E 208 13.17 -29.35 13.73
CA VAL E 208 12.24 -28.22 13.63
C VAL E 208 11.26 -28.11 14.80
N THR E 209 11.06 -26.89 15.29
CA THR E 209 10.18 -26.66 16.43
C THR E 209 9.13 -25.63 16.09
N CYS E 210 7.86 -25.96 16.32
CA CYS E 210 6.82 -24.99 16.12
C CYS E 210 6.59 -24.20 17.41
N ASN E 211 6.50 -22.89 17.26
CA ASN E 211 6.26 -22.03 18.40
C ASN E 211 4.85 -21.51 18.33
N VAL E 212 4.03 -21.89 19.30
CA VAL E 212 2.62 -21.56 19.25
C VAL E 212 2.28 -20.62 20.39
N ALA E 213 1.64 -19.51 20.06
CA ALA E 213 1.25 -18.54 21.07
C ALA E 213 -0.24 -18.40 21.04
N HIS E 214 -0.81 -18.29 22.24
CA HIS E 214 -2.24 -18.06 22.41
C HIS E 214 -2.33 -17.01 23.50
N PRO E 215 -2.24 -15.74 23.12
CA PRO E 215 -2.15 -14.57 23.99
C PRO E 215 -3.29 -14.44 24.99
N ALA E 216 -4.48 -14.91 24.63
CA ALA E 216 -5.63 -14.77 25.53
C ALA E 216 -5.52 -15.66 26.78
N THR E 217 -4.70 -16.71 26.72
CA THR E 217 -4.46 -17.51 27.91
C THR E 217 -3.01 -17.41 28.37
N ASN E 218 -2.26 -16.51 27.77
CA ASN E 218 -0.89 -16.26 28.19
C ASN E 218 -0.03 -17.49 27.98
N THR E 219 -0.38 -18.25 26.94
CA THR E 219 0.24 -19.53 26.71
C THR E 219 1.22 -19.48 25.57
N LYS E 220 2.35 -20.15 25.73
CA LYS E 220 3.28 -20.34 24.65
C LYS E 220 3.72 -21.79 24.70
N VAL E 221 3.73 -22.46 23.55
CA VAL E 221 4.06 -23.88 23.49
C VAL E 221 5.07 -24.16 22.39
N ASP E 222 6.21 -24.75 22.74
CA ASP E 222 7.16 -25.19 21.74
C ASP E 222 7.10 -26.69 21.60
N LYS E 223 6.65 -27.18 20.45
CA LYS E 223 6.74 -28.61 20.18
C LYS E 223 7.83 -28.83 19.16
N THR E 224 8.80 -29.67 19.49
CA THR E 224 9.78 -30.04 18.48
C THR E 224 9.37 -31.37 17.88
N VAL E 225 9.38 -31.40 16.55
CA VAL E 225 8.70 -32.44 15.79
C VAL E 225 9.70 -33.31 15.03
N ALA E 226 9.49 -34.63 15.11
CA ALA E 226 10.37 -35.57 14.42
C ALA E 226 9.64 -36.69 13.67
N PRO E 227 10.23 -37.16 12.57
CA PRO E 227 9.72 -38.34 11.84
C PRO E 227 9.78 -39.60 12.68
N GLU F 4 -19.62 25.57 10.89
CA GLU F 4 -19.55 24.11 11.02
C GLU F 4 -20.78 23.50 10.36
N ILE F 5 -20.78 22.18 10.24
CA ILE F 5 -21.92 21.47 9.69
C ILE F 5 -22.93 21.22 10.81
N ILE F 6 -24.14 20.82 10.43
CA ILE F 6 -25.22 20.64 11.38
C ILE F 6 -25.84 19.26 11.22
N GLY F 7 -25.45 18.57 10.15
CA GLY F 7 -25.93 17.22 9.89
C GLY F 7 -25.57 16.68 8.53
N ASP F 8 -26.15 15.54 8.19
CA ASP F 8 -25.88 14.84 6.93
C ASP F 8 -26.69 15.48 5.80
N ILE F 9 -26.20 15.39 4.57
CA ILE F 9 -26.83 16.09 3.46
C ILE F 9 -28.30 15.69 3.30
N ARG F 10 -28.63 14.45 3.67
CA ARG F 10 -30.00 13.98 3.60
C ARG F 10 -30.89 14.51 4.74
N GLN F 11 -30.37 15.39 5.57
CA GLN F 11 -31.23 16.08 6.54
C GLN F 11 -31.47 17.54 6.11
N ALA F 12 -31.10 17.88 4.87
CA ALA F 12 -31.24 19.24 4.37
C ALA F 12 -32.56 19.48 3.63
S SO4 G . 1.81 -1.59 -9.99
O1 SO4 G . 0.71 -2.50 -10.34
O2 SO4 G . 3.06 -2.37 -9.94
O3 SO4 G . 1.56 -1.03 -8.65
O4 SO4 G . 1.90 -0.53 -11.00
S SO4 H . -22.72 -14.21 -8.78
O1 SO4 H . -21.33 -14.70 -8.74
O2 SO4 H . -23.59 -15.26 -9.31
O3 SO4 H . -23.20 -13.85 -7.43
O4 SO4 H . -22.82 -13.00 -9.62
#